data_2DII
#
_entry.id   2DII
#
_entity_poly.entity_id   1
_entity_poly.type   'polypeptide(L)'
_entity_poly.pdbx_seq_one_letter_code
;GSSGSSGFKRKANKELEEKNRMLQEDPVLFQLYKDLVVSQVISAEEFWANRLNVNSGPSSG
;
_entity_poly.pdbx_strand_id   A
#
# COMPACT_ATOMS: atom_id res chain seq x y z
N GLY A 1 9.96 13.39 -2.70
CA GLY A 1 11.18 14.12 -2.41
C GLY A 1 11.14 15.54 -2.96
N SER A 2 11.34 15.68 -4.27
CA SER A 2 11.34 16.99 -4.90
C SER A 2 9.94 17.61 -4.86
N SER A 3 9.76 18.57 -3.97
CA SER A 3 8.47 19.24 -3.82
C SER A 3 7.84 19.51 -5.19
N GLY A 4 6.82 18.72 -5.52
CA GLY A 4 6.14 18.88 -6.79
C GLY A 4 5.33 17.67 -7.17
N SER A 5 4.01 17.75 -6.98
CA SER A 5 3.11 16.65 -7.30
C SER A 5 1.88 17.15 -8.04
N SER A 6 1.14 16.23 -8.65
CA SER A 6 -0.05 16.57 -9.40
C SER A 6 -1.22 15.68 -8.99
N GLY A 7 -0.91 14.44 -8.64
CA GLY A 7 -1.94 13.49 -8.24
C GLY A 7 -3.22 13.64 -9.06
N PHE A 8 -3.29 12.92 -10.17
CA PHE A 8 -4.45 12.97 -11.04
C PHE A 8 -5.52 11.98 -10.59
N LYS A 9 -6.73 12.12 -11.13
CA LYS A 9 -7.82 11.23 -10.79
C LYS A 9 -7.52 9.80 -11.19
N ARG A 10 -7.89 8.86 -10.33
CA ARG A 10 -7.65 7.44 -10.59
C ARG A 10 -8.75 6.58 -9.99
N LYS A 11 -9.40 5.77 -10.83
CA LYS A 11 -10.47 4.89 -10.37
C LYS A 11 -9.95 3.48 -10.13
N ALA A 12 -9.15 2.98 -11.07
CA ALA A 12 -8.59 1.65 -10.96
C ALA A 12 -7.71 1.52 -9.72
N ASN A 13 -7.81 0.37 -9.04
CA ASN A 13 -7.03 0.13 -7.84
C ASN A 13 -5.81 -0.72 -8.16
N LYS A 14 -5.12 -0.39 -9.25
CA LYS A 14 -3.92 -1.11 -9.66
C LYS A 14 -3.06 -1.47 -8.45
N GLU A 15 -2.88 -0.49 -7.56
CA GLU A 15 -2.08 -0.71 -6.36
C GLU A 15 -2.47 -2.00 -5.66
N LEU A 16 -3.76 -2.17 -5.39
CA LEU A 16 -4.27 -3.36 -4.73
C LEU A 16 -3.68 -4.62 -5.36
N GLU A 17 -3.73 -4.69 -6.69
CA GLU A 17 -3.19 -5.84 -7.41
C GLU A 17 -1.74 -6.10 -7.02
N GLU A 18 -0.96 -5.03 -6.92
CA GLU A 18 0.46 -5.15 -6.57
C GLU A 18 0.61 -5.63 -5.12
N LYS A 19 0.16 -4.81 -4.19
CA LYS A 19 0.25 -5.14 -2.77
C LYS A 19 -0.29 -6.54 -2.50
N ASN A 20 -1.30 -6.95 -3.29
CA ASN A 20 -1.91 -8.26 -3.14
C ASN A 20 -0.95 -9.35 -3.64
N ARG A 21 -0.57 -9.26 -4.90
CA ARG A 21 0.34 -10.24 -5.50
C ARG A 21 1.61 -10.36 -4.69
N MET A 22 2.15 -9.23 -4.26
CA MET A 22 3.37 -9.21 -3.47
C MET A 22 3.25 -10.09 -2.23
N LEU A 23 2.14 -9.91 -1.50
CA LEU A 23 1.89 -10.69 -0.30
C LEU A 23 2.10 -12.18 -0.55
N GLN A 24 1.45 -12.68 -1.60
CA GLN A 24 1.57 -14.10 -1.96
C GLN A 24 3.03 -14.53 -2.03
N GLU A 25 3.79 -13.89 -2.91
CA GLU A 25 5.20 -14.21 -3.07
C GLU A 25 5.96 -13.99 -1.77
N ASP A 26 5.53 -12.99 -1.00
CA ASP A 26 6.17 -12.68 0.28
C ASP A 26 5.27 -13.07 1.45
N PRO A 27 5.28 -14.37 1.79
CA PRO A 27 4.47 -14.90 2.89
C PRO A 27 4.97 -14.43 4.26
N VAL A 28 6.23 -14.03 4.32
CA VAL A 28 6.82 -13.55 5.56
C VAL A 28 6.40 -12.12 5.86
N LEU A 29 6.35 -11.30 4.82
CA LEU A 29 5.97 -9.90 4.97
C LEU A 29 4.54 -9.78 5.50
N PHE A 30 3.67 -10.69 5.05
CA PHE A 30 2.28 -10.69 5.49
C PHE A 30 2.19 -10.67 7.01
N GLN A 31 2.96 -11.54 7.66
CA GLN A 31 2.97 -11.63 9.11
C GLN A 31 3.04 -10.24 9.74
N LEU A 32 3.91 -9.40 9.19
CA LEU A 32 4.08 -8.04 9.70
C LEU A 32 2.80 -7.23 9.53
N TYR A 33 2.28 -7.19 8.31
CA TYR A 33 1.06 -6.45 8.01
C TYR A 33 -0.05 -6.81 9.00
N LYS A 34 -0.06 -8.07 9.44
CA LYS A 34 -1.05 -8.55 10.39
C LYS A 34 -0.73 -8.07 11.80
N ASP A 35 0.39 -8.55 12.33
CA ASP A 35 0.82 -8.18 13.67
C ASP A 35 0.60 -6.69 13.93
N LEU A 36 0.57 -5.92 12.84
CA LEU A 36 0.36 -4.48 12.95
C LEU A 36 -1.09 -4.11 12.68
N VAL A 37 -1.58 -4.46 11.49
CA VAL A 37 -2.96 -4.17 11.11
C VAL A 37 -3.94 -5.03 11.91
N VAL A 38 -3.72 -6.34 11.89
CA VAL A 38 -4.57 -7.27 12.60
C VAL A 38 -4.54 -7.01 14.10
N SER A 39 -3.55 -6.23 14.54
CA SER A 39 -3.41 -5.90 15.95
C SER A 39 -4.14 -4.61 16.30
N GLN A 40 -4.82 -4.05 15.30
CA GLN A 40 -5.57 -2.81 15.49
C GLN A 40 -4.64 -1.68 15.93
N VAL A 41 -3.40 -1.74 15.48
CA VAL A 41 -2.41 -0.71 15.81
C VAL A 41 -2.35 0.37 14.75
N ILE A 42 -2.40 -0.05 13.49
CA ILE A 42 -2.35 0.89 12.37
C ILE A 42 -3.36 0.50 11.29
N SER A 43 -3.49 1.37 10.28
CA SER A 43 -4.42 1.11 9.19
C SER A 43 -3.70 0.52 7.98
N ALA A 44 -4.37 -0.41 7.30
CA ALA A 44 -3.79 -1.06 6.14
C ALA A 44 -3.10 -0.05 5.23
N GLU A 45 -3.76 1.09 5.00
CA GLU A 45 -3.21 2.13 4.15
C GLU A 45 -1.84 2.57 4.65
N GLU A 46 -1.71 2.73 5.97
CA GLU A 46 -0.46 3.15 6.58
C GLU A 46 0.65 2.14 6.29
N PHE A 47 0.35 0.86 6.53
CA PHE A 47 1.33 -0.20 6.29
C PHE A 47 2.04 0.00 4.96
N TRP A 48 1.27 -0.11 3.87
CA TRP A 48 1.82 0.06 2.53
C TRP A 48 2.40 1.45 2.34
N ALA A 49 1.69 2.46 2.86
CA ALA A 49 2.14 3.84 2.75
C ALA A 49 3.66 3.94 2.83
N ASN A 50 4.24 3.30 3.83
CA ASN A 50 5.69 3.31 4.03
C ASN A 50 6.34 2.16 3.26
N ARG A 51 5.72 0.99 3.32
CA ARG A 51 6.25 -0.19 2.64
C ARG A 51 6.83 0.18 1.28
N LEU A 52 6.09 0.97 0.51
CA LEU A 52 6.54 1.39 -0.81
C LEU A 52 7.31 2.71 -0.72
N ASN A 53 8.54 2.64 -0.23
CA ASN A 53 9.38 3.82 -0.09
C ASN A 53 10.10 4.13 -1.41
N VAL A 54 10.55 3.09 -2.09
CA VAL A 54 11.25 3.25 -3.36
C VAL A 54 10.67 2.34 -4.43
N ASN A 55 10.25 1.14 -4.01
CA ASN A 55 9.66 0.18 -4.94
C ASN A 55 8.76 0.88 -5.95
N SER A 56 9.23 0.97 -7.19
CA SER A 56 8.47 1.61 -8.26
C SER A 56 8.47 0.76 -9.52
N GLY A 57 7.47 0.96 -10.38
CA GLY A 57 7.39 0.22 -11.61
C GLY A 57 7.80 1.03 -12.82
N PRO A 58 8.42 0.36 -13.81
CA PRO A 58 8.88 1.01 -15.04
C PRO A 58 7.72 1.47 -15.92
N SER A 59 8.04 2.25 -16.95
CA SER A 59 7.03 2.75 -17.87
C SER A 59 6.87 1.82 -19.06
N SER A 60 5.86 2.09 -19.90
CA SER A 60 5.61 1.27 -21.07
C SER A 60 6.28 1.86 -22.30
N GLY A 61 5.94 3.11 -22.62
CA GLY A 61 6.51 3.78 -23.78
C GLY A 61 7.58 4.77 -23.40
N GLY A 1 3.71 20.58 -20.70
CA GLY A 1 2.63 21.29 -21.38
C GLY A 1 1.84 22.16 -20.43
N SER A 2 1.04 23.06 -20.99
CA SER A 2 0.21 23.97 -20.19
C SER A 2 -1.08 23.29 -19.75
N SER A 3 -1.05 22.63 -18.60
CA SER A 3 -2.21 21.94 -18.07
C SER A 3 -2.12 21.78 -16.56
N GLY A 4 -3.26 21.89 -15.89
CA GLY A 4 -3.28 21.75 -14.44
C GLY A 4 -4.18 20.62 -13.98
N SER A 5 -5.34 20.49 -14.63
CA SER A 5 -6.29 19.44 -14.28
C SER A 5 -5.57 18.14 -13.95
N SER A 6 -6.16 17.35 -13.06
CA SER A 6 -5.58 16.07 -12.67
C SER A 6 -6.62 15.19 -11.99
N GLY A 7 -6.61 13.90 -12.34
CA GLY A 7 -7.55 12.97 -11.76
C GLY A 7 -7.96 11.88 -12.73
N PHE A 8 -8.27 10.70 -12.19
CA PHE A 8 -8.68 9.57 -13.02
C PHE A 8 -10.14 9.70 -13.44
N LYS A 9 -10.54 8.91 -14.43
CA LYS A 9 -11.91 8.93 -14.93
C LYS A 9 -12.71 7.76 -14.37
N ARG A 10 -12.22 6.54 -14.63
CA ARG A 10 -12.89 5.34 -14.15
C ARG A 10 -12.13 4.73 -12.98
N LYS A 11 -12.76 4.77 -11.80
CA LYS A 11 -12.16 4.22 -10.59
C LYS A 11 -11.89 2.73 -10.73
N ALA A 12 -10.64 2.38 -10.98
CA ALA A 12 -10.25 0.98 -11.13
C ALA A 12 -9.43 0.49 -9.94
N ASN A 13 -9.08 -0.79 -9.95
CA ASN A 13 -8.29 -1.38 -8.87
C ASN A 13 -7.00 -1.97 -9.41
N LYS A 14 -5.92 -1.19 -9.35
CA LYS A 14 -4.62 -1.64 -9.83
C LYS A 14 -3.63 -1.76 -8.68
N GLU A 15 -3.35 -0.65 -8.02
CA GLU A 15 -2.42 -0.63 -6.89
C GLU A 15 -2.71 -1.77 -5.93
N LEU A 16 -3.99 -1.94 -5.58
CA LEU A 16 -4.40 -2.99 -4.67
C LEU A 16 -3.91 -4.36 -5.16
N GLU A 17 -4.04 -4.59 -6.46
CA GLU A 17 -3.61 -5.86 -7.05
C GLU A 17 -2.12 -6.07 -6.86
N GLU A 18 -1.33 -5.09 -7.24
CA GLU A 18 0.13 -5.17 -7.12
C GLU A 18 0.52 -5.48 -5.67
N LYS A 19 0.25 -4.53 -4.78
CA LYS A 19 0.57 -4.69 -3.37
C LYS A 19 0.26 -6.11 -2.90
N ASN A 20 -0.89 -6.62 -3.33
CA ASN A 20 -1.30 -7.97 -2.95
C ASN A 20 -0.36 -9.02 -3.52
N ARG A 21 -0.22 -9.03 -4.84
CA ARG A 21 0.65 -9.98 -5.52
C ARG A 21 1.92 -10.22 -4.70
N MET A 22 2.51 -9.13 -4.21
CA MET A 22 3.73 -9.22 -3.42
C MET A 22 3.53 -10.11 -2.20
N LEU A 23 2.43 -9.90 -1.49
CA LEU A 23 2.11 -10.68 -0.30
C LEU A 23 2.20 -12.18 -0.60
N GLN A 24 1.61 -12.58 -1.73
CA GLN A 24 1.62 -13.98 -2.13
C GLN A 24 3.04 -14.53 -2.16
N GLU A 25 3.90 -13.87 -2.92
CA GLU A 25 5.30 -14.29 -3.03
C GLU A 25 6.02 -14.16 -1.69
N ASP A 26 5.65 -13.14 -0.93
CA ASP A 26 6.25 -12.91 0.38
C ASP A 26 5.27 -13.21 1.50
N PRO A 27 5.14 -14.50 1.84
CA PRO A 27 4.24 -14.95 2.90
C PRO A 27 4.71 -14.54 4.29
N VAL A 28 6.02 -14.35 4.42
CA VAL A 28 6.61 -13.95 5.70
C VAL A 28 6.32 -12.48 6.00
N LEU A 29 6.38 -11.64 4.97
CA LEU A 29 6.12 -10.21 5.12
C LEU A 29 4.70 -9.97 5.64
N PHE A 30 3.75 -10.68 5.07
CA PHE A 30 2.35 -10.55 5.46
C PHE A 30 2.22 -10.49 6.99
N GLN A 31 2.81 -11.47 7.66
CA GLN A 31 2.77 -11.53 9.12
C GLN A 31 2.81 -10.13 9.72
N LEU A 32 3.89 -9.40 9.44
CA LEU A 32 4.05 -8.05 9.96
C LEU A 32 2.78 -7.23 9.76
N TYR A 33 2.28 -7.22 8.53
CA TYR A 33 1.07 -6.48 8.22
C TYR A 33 -0.07 -6.84 9.17
N LYS A 34 -0.07 -8.09 9.61
CA LYS A 34 -1.10 -8.57 10.54
C LYS A 34 -0.83 -8.08 11.95
N ASP A 35 0.28 -8.51 12.53
CA ASP A 35 0.65 -8.10 13.88
C ASP A 35 0.43 -6.60 14.08
N LEU A 36 0.43 -5.87 12.97
CA LEU A 36 0.24 -4.42 13.03
C LEU A 36 -1.22 -4.05 12.74
N VAL A 37 -1.71 -4.48 11.58
CA VAL A 37 -3.08 -4.20 11.17
C VAL A 37 -4.06 -5.08 11.94
N VAL A 38 -3.83 -6.39 11.90
CA VAL A 38 -4.69 -7.34 12.59
C VAL A 38 -4.68 -7.10 14.10
N SER A 39 -3.70 -6.34 14.56
CA SER A 39 -3.57 -6.04 15.98
C SER A 39 -4.25 -4.71 16.32
N GLN A 40 -4.98 -4.17 15.35
CA GLN A 40 -5.69 -2.90 15.54
C GLN A 40 -4.72 -1.80 15.96
N VAL A 41 -3.53 -1.80 15.37
CA VAL A 41 -2.52 -0.80 15.68
C VAL A 41 -2.43 0.26 14.59
N ILE A 42 -2.51 -0.19 13.33
CA ILE A 42 -2.44 0.72 12.19
C ILE A 42 -3.44 0.32 11.11
N SER A 43 -3.56 1.16 10.09
CA SER A 43 -4.48 0.90 8.99
C SER A 43 -3.74 0.34 7.78
N ALA A 44 -4.38 -0.58 7.07
CA ALA A 44 -3.78 -1.19 5.89
C ALA A 44 -3.02 -0.16 5.06
N GLU A 45 -3.60 1.02 4.91
CA GLU A 45 -2.98 2.09 4.14
C GLU A 45 -1.65 2.50 4.78
N GLU A 46 -1.66 2.71 6.09
CA GLU A 46 -0.45 3.10 6.81
C GLU A 46 0.69 2.12 6.56
N PHE A 47 0.37 0.82 6.62
CA PHE A 47 1.37 -0.22 6.40
C PHE A 47 2.06 -0.02 5.05
N TRP A 48 1.30 -0.16 3.97
CA TRP A 48 1.85 0.00 2.62
C TRP A 48 2.54 1.36 2.47
N ALA A 49 1.84 2.41 2.87
CA ALA A 49 2.39 3.76 2.78
C ALA A 49 3.88 3.77 3.08
N ASN A 50 4.29 2.99 4.08
CA ASN A 50 5.69 2.91 4.46
C ASN A 50 6.50 2.18 3.40
N ARG A 51 6.04 1.00 3.01
CA ARG A 51 6.73 0.21 2.00
C ARG A 51 6.74 0.93 0.65
N LEU A 52 5.56 1.17 0.12
CA LEU A 52 5.42 1.86 -1.17
C LEU A 52 6.06 3.25 -1.11
N ASN A 53 5.84 3.95 0.00
CA ASN A 53 6.39 5.28 0.18
C ASN A 53 5.88 6.23 -0.90
N VAL A 54 4.57 6.25 -1.10
CA VAL A 54 3.95 7.10 -2.10
C VAL A 54 3.56 8.45 -1.51
N ASN A 55 4.31 9.49 -1.87
CA ASN A 55 4.04 10.83 -1.37
C ASN A 55 2.54 11.13 -1.38
N SER A 56 2.09 11.98 -0.46
CA SER A 56 0.69 12.34 -0.36
C SER A 56 0.05 12.39 -1.74
N GLY A 57 -1.20 11.96 -1.83
CA GLY A 57 -1.91 11.97 -3.10
C GLY A 57 -2.90 10.83 -3.23
N PRO A 58 -4.10 11.02 -2.66
CA PRO A 58 -5.15 9.99 -2.70
C PRO A 58 -5.73 9.81 -4.10
N SER A 59 -6.01 8.56 -4.46
CA SER A 59 -6.56 8.25 -5.77
C SER A 59 -8.03 7.85 -5.66
N SER A 60 -8.29 6.77 -4.92
CA SER A 60 -9.65 6.28 -4.74
C SER A 60 -10.53 7.35 -4.10
N GLY A 61 -10.18 7.73 -2.88
CA GLY A 61 -10.96 8.75 -2.18
C GLY A 61 -10.93 10.09 -2.87
N GLY A 1 -20.19 10.67 -4.34
CA GLY A 1 -18.84 11.16 -4.21
C GLY A 1 -17.80 10.07 -4.41
N SER A 2 -17.10 9.71 -3.33
CA SER A 2 -16.08 8.68 -3.39
C SER A 2 -16.38 7.56 -2.38
N SER A 3 -17.25 6.64 -2.77
CA SER A 3 -17.62 5.53 -1.91
C SER A 3 -16.97 4.24 -2.37
N GLY A 4 -15.78 3.95 -1.83
CA GLY A 4 -15.06 2.75 -2.21
C GLY A 4 -13.91 3.02 -3.15
N SER A 5 -14.23 3.27 -4.41
CA SER A 5 -13.19 3.55 -5.42
C SER A 5 -12.28 4.68 -4.96
N SER A 6 -11.16 4.84 -5.65
CA SER A 6 -10.20 5.88 -5.31
C SER A 6 -10.90 7.21 -5.07
N GLY A 7 -10.20 8.14 -4.43
CA GLY A 7 -10.77 9.45 -4.15
C GLY A 7 -11.20 10.17 -5.41
N PHE A 8 -10.49 11.22 -5.77
CA PHE A 8 -10.81 12.00 -6.95
C PHE A 8 -10.43 11.24 -8.22
N LYS A 9 -9.17 10.83 -8.29
CA LYS A 9 -8.68 10.09 -9.46
C LYS A 9 -9.55 8.87 -9.74
N ARG A 10 -10.05 8.79 -10.97
CA ARG A 10 -10.90 7.68 -11.38
C ARG A 10 -10.13 6.68 -12.23
N LYS A 11 -9.67 5.60 -11.60
CA LYS A 11 -8.92 4.57 -12.30
C LYS A 11 -9.22 3.19 -11.73
N ALA A 12 -8.72 2.15 -12.39
CA ALA A 12 -8.93 0.78 -11.94
C ALA A 12 -8.20 0.51 -10.63
N ASN A 13 -8.69 -0.45 -9.87
CA ASN A 13 -8.08 -0.82 -8.59
C ASN A 13 -6.82 -1.65 -8.80
N LYS A 14 -5.95 -1.18 -9.70
CA LYS A 14 -4.71 -1.88 -9.99
C LYS A 14 -3.80 -1.91 -8.77
N GLU A 15 -3.71 -0.77 -8.07
CA GLU A 15 -2.87 -0.67 -6.89
C GLU A 15 -2.95 -1.94 -6.06
N LEU A 16 -4.15 -2.47 -5.89
CA LEU A 16 -4.36 -3.69 -5.12
C LEU A 16 -3.60 -4.86 -5.74
N GLU A 17 -3.80 -5.07 -7.03
CA GLU A 17 -3.13 -6.16 -7.74
C GLU A 17 -1.67 -6.28 -7.30
N GLU A 18 -0.93 -5.18 -7.45
CA GLU A 18 0.49 -5.16 -7.07
C GLU A 18 0.66 -5.58 -5.62
N LYS A 19 0.06 -4.82 -4.71
CA LYS A 19 0.15 -5.11 -3.28
C LYS A 19 -0.04 -6.59 -3.02
N ASN A 20 -1.11 -7.15 -3.58
CA ASN A 20 -1.40 -8.57 -3.41
C ASN A 20 -0.27 -9.44 -3.95
N ARG A 21 0.10 -9.20 -5.21
CA ARG A 21 1.16 -9.95 -5.85
C ARG A 21 2.40 -10.01 -4.96
N MET A 22 2.53 -9.03 -4.07
CA MET A 22 3.67 -8.98 -3.16
C MET A 22 3.43 -9.86 -1.93
N LEU A 23 2.26 -9.73 -1.33
CA LEU A 23 1.91 -10.51 -0.15
C LEU A 23 1.85 -12.00 -0.49
N GLN A 24 1.27 -12.32 -1.63
CA GLN A 24 1.16 -13.71 -2.07
C GLN A 24 2.53 -14.36 -2.17
N GLU A 25 3.50 -13.62 -2.71
CA GLU A 25 4.85 -14.12 -2.87
C GLU A 25 5.68 -13.87 -1.62
N ASP A 26 5.25 -12.88 -0.82
CA ASP A 26 5.96 -12.54 0.41
C ASP A 26 5.16 -12.99 1.63
N PRO A 27 5.27 -14.28 1.97
CA PRO A 27 4.56 -14.86 3.11
C PRO A 27 5.11 -14.36 4.44
N VAL A 28 6.31 -13.79 4.41
CA VAL A 28 6.94 -13.28 5.61
C VAL A 28 6.46 -11.86 5.92
N LEU A 29 6.31 -11.05 4.88
CA LEU A 29 5.84 -9.67 5.04
C LEU A 29 4.42 -9.63 5.56
N PHE A 30 3.60 -10.60 5.15
CA PHE A 30 2.22 -10.67 5.58
C PHE A 30 2.12 -10.69 7.10
N GLN A 31 3.02 -11.43 7.73
CA GLN A 31 3.04 -11.54 9.19
C GLN A 31 2.95 -10.16 9.83
N LEU A 32 3.83 -9.26 9.42
CA LEU A 32 3.83 -7.90 9.96
C LEU A 32 2.50 -7.21 9.72
N TYR A 33 2.11 -7.11 8.46
CA TYR A 33 0.85 -6.47 8.08
C TYR A 33 -0.27 -6.90 9.02
N LYS A 34 -0.26 -8.17 9.41
CA LYS A 34 -1.27 -8.71 10.31
C LYS A 34 -1.00 -8.30 11.75
N ASP A 35 0.16 -8.72 12.27
CA ASP A 35 0.54 -8.39 13.63
C ASP A 35 0.39 -6.89 13.90
N LEU A 36 0.34 -6.11 12.83
CA LEU A 36 0.20 -4.67 12.95
C LEU A 36 -1.23 -4.23 12.69
N VAL A 37 -1.80 -4.69 11.58
CA VAL A 37 -3.18 -4.36 11.23
C VAL A 37 -4.18 -5.24 11.98
N VAL A 38 -4.00 -6.55 11.85
CA VAL A 38 -4.88 -7.51 12.51
C VAL A 38 -4.84 -7.34 14.03
N SER A 39 -3.84 -6.61 14.51
CA SER A 39 -3.68 -6.37 15.94
C SER A 39 -4.35 -5.06 16.34
N GLN A 40 -4.98 -4.40 15.37
CA GLN A 40 -5.66 -3.13 15.62
C GLN A 40 -4.69 -2.08 16.14
N VAL A 41 -3.42 -2.22 15.75
CA VAL A 41 -2.38 -1.28 16.17
C VAL A 41 -2.28 -0.10 15.21
N ILE A 42 -2.46 -0.38 13.92
CA ILE A 42 -2.39 0.66 12.90
C ILE A 42 -3.34 0.37 11.75
N SER A 43 -3.41 1.28 10.78
CA SER A 43 -4.27 1.12 9.63
C SER A 43 -3.48 0.60 8.43
N ALA A 44 -4.14 -0.20 7.59
CA ALA A 44 -3.50 -0.76 6.41
C ALA A 44 -2.75 0.32 5.63
N GLU A 45 -3.37 1.48 5.50
CA GLU A 45 -2.76 2.59 4.78
C GLU A 45 -1.39 2.93 5.36
N GLU A 46 -1.27 2.84 6.68
CA GLU A 46 -0.02 3.13 7.36
C GLU A 46 1.06 2.13 6.97
N PHE A 47 0.71 0.84 6.99
CA PHE A 47 1.64 -0.21 6.64
C PHE A 47 2.22 0.01 5.25
N TRP A 48 1.37 -0.07 4.24
CA TRP A 48 1.80 0.13 2.86
C TRP A 48 2.46 1.48 2.68
N ALA A 49 1.91 2.50 3.34
CA ALA A 49 2.46 3.85 3.24
C ALA A 49 3.98 3.83 3.18
N ASN A 50 4.59 2.97 3.99
CA ASN A 50 6.04 2.84 4.02
C ASN A 50 6.54 2.00 2.86
N ARG A 51 6.04 0.76 2.77
CA ARG A 51 6.44 -0.15 1.71
C ARG A 51 6.19 0.48 0.34
N LEU A 52 4.92 0.74 0.04
CA LEU A 52 4.54 1.33 -1.24
C LEU A 52 4.99 2.79 -1.31
N ASN A 53 4.91 3.36 -2.51
CA ASN A 53 5.30 4.76 -2.71
C ASN A 53 4.62 5.34 -3.95
N VAL A 54 4.75 6.64 -4.13
CA VAL A 54 4.15 7.32 -5.27
C VAL A 54 5.08 7.30 -6.48
N ASN A 55 5.69 6.15 -6.73
CA ASN A 55 6.61 6.00 -7.85
C ASN A 55 6.15 4.89 -8.78
N SER A 56 4.85 4.83 -9.04
CA SER A 56 4.27 3.82 -9.91
C SER A 56 4.05 4.36 -11.31
N GLY A 57 4.91 3.97 -12.24
CA GLY A 57 4.78 4.43 -13.61
C GLY A 57 4.64 5.94 -13.70
N PRO A 58 5.77 6.66 -13.59
CA PRO A 58 5.78 8.12 -13.66
C PRO A 58 5.47 8.64 -15.06
N SER A 59 5.37 7.72 -16.02
CA SER A 59 5.06 8.09 -17.40
C SER A 59 3.70 7.55 -17.83
N SER A 60 3.48 6.27 -17.57
CA SER A 60 2.22 5.63 -17.94
C SER A 60 1.03 6.47 -17.46
N GLY A 61 1.08 6.88 -16.19
CA GLY A 61 0.00 7.69 -15.63
C GLY A 61 0.20 9.16 -15.87
N GLY A 1 -3.72 10.63 14.13
CA GLY A 1 -2.83 11.77 14.18
C GLY A 1 -3.55 13.08 13.92
N SER A 2 -3.21 13.74 12.82
CA SER A 2 -3.84 15.01 12.46
C SER A 2 -4.52 14.92 11.10
N SER A 3 -3.73 14.62 10.08
CA SER A 3 -4.26 14.51 8.72
C SER A 3 -3.46 13.49 7.90
N GLY A 4 -4.06 13.01 6.82
CA GLY A 4 -3.39 12.04 5.97
C GLY A 4 -3.24 12.52 4.54
N SER A 5 -2.23 12.01 3.86
CA SER A 5 -1.97 12.39 2.47
C SER A 5 -2.49 11.33 1.51
N SER A 6 -3.36 11.75 0.60
CA SER A 6 -3.93 10.83 -0.38
C SER A 6 -4.23 11.56 -1.69
N GLY A 7 -4.43 10.79 -2.75
CA GLY A 7 -4.72 11.37 -4.06
C GLY A 7 -4.23 10.50 -5.19
N PHE A 8 -3.02 9.97 -5.06
CA PHE A 8 -2.44 9.11 -6.09
C PHE A 8 -3.52 8.26 -6.76
N LYS A 9 -4.25 7.49 -5.97
CA LYS A 9 -5.31 6.64 -6.48
C LYS A 9 -6.11 7.36 -7.56
N ARG A 10 -6.35 6.67 -8.67
CA ARG A 10 -7.10 7.25 -9.78
C ARG A 10 -8.34 6.41 -10.08
N LYS A 11 -9.38 6.60 -9.27
CA LYS A 11 -10.64 5.87 -9.45
C LYS A 11 -10.36 4.46 -9.95
N ALA A 12 -9.35 3.82 -9.40
CA ALA A 12 -8.99 2.46 -9.79
C ALA A 12 -8.19 1.77 -8.70
N ASN A 13 -8.47 0.49 -8.48
CA ASN A 13 -7.77 -0.29 -7.46
C ASN A 13 -6.58 -1.03 -8.07
N LYS A 14 -5.82 -0.35 -8.91
CA LYS A 14 -4.66 -0.95 -9.56
C LYS A 14 -3.65 -1.44 -8.52
N GLU A 15 -3.07 -0.50 -7.78
CA GLU A 15 -2.09 -0.83 -6.76
C GLU A 15 -2.55 -2.03 -5.93
N LEU A 16 -3.81 -2.00 -5.51
CA LEU A 16 -4.38 -3.08 -4.71
C LEU A 16 -4.01 -4.44 -5.30
N GLU A 17 -4.24 -4.60 -6.60
CA GLU A 17 -3.93 -5.85 -7.28
C GLU A 17 -2.43 -6.15 -7.21
N GLU A 18 -1.63 -5.10 -7.05
CA GLU A 18 -0.19 -5.25 -6.98
C GLU A 18 0.25 -5.66 -5.57
N LYS A 19 -0.02 -4.77 -4.60
CA LYS A 19 0.35 -5.04 -3.21
C LYS A 19 0.00 -6.47 -2.82
N ASN A 20 -1.07 -7.00 -3.41
CA ASN A 20 -1.50 -8.36 -3.13
C ASN A 20 -0.53 -9.38 -3.73
N ARG A 21 -0.41 -9.36 -5.05
CA ARG A 21 0.48 -10.28 -5.74
C ARG A 21 1.76 -10.50 -4.96
N MET A 22 2.24 -9.44 -4.31
CA MET A 22 3.47 -9.53 -3.51
C MET A 22 3.26 -10.41 -2.29
N LEU A 23 2.31 -10.02 -1.44
CA LEU A 23 2.01 -10.78 -0.23
C LEU A 23 2.16 -12.27 -0.46
N GLN A 24 1.78 -12.71 -1.66
CA GLN A 24 1.88 -14.13 -2.01
C GLN A 24 3.33 -14.59 -2.02
N GLU A 25 4.14 -13.99 -2.89
CA GLU A 25 5.55 -14.34 -2.99
C GLU A 25 6.26 -14.11 -1.66
N ASP A 26 5.90 -13.03 -0.98
CA ASP A 26 6.50 -12.70 0.30
C ASP A 26 5.53 -12.95 1.44
N PRO A 27 5.43 -14.22 1.87
CA PRO A 27 4.54 -14.64 2.95
C PRO A 27 5.01 -14.12 4.31
N VAL A 28 6.32 -13.96 4.46
CA VAL A 28 6.90 -13.47 5.70
C VAL A 28 6.47 -12.04 5.98
N LEU A 29 6.44 -11.22 4.94
CA LEU A 29 6.05 -9.82 5.07
C LEU A 29 4.59 -9.70 5.54
N PHE A 30 3.75 -10.60 5.05
CA PHE A 30 2.34 -10.59 5.41
C PHE A 30 2.17 -10.49 6.92
N GLN A 31 2.89 -11.35 7.65
CA GLN A 31 2.82 -11.35 9.10
C GLN A 31 2.81 -9.93 9.66
N LEU A 32 3.87 -9.18 9.38
CA LEU A 32 3.97 -7.81 9.86
C LEU A 32 2.66 -7.06 9.66
N TYR A 33 2.13 -7.13 8.43
CA TYR A 33 0.88 -6.45 8.11
C TYR A 33 -0.22 -6.85 9.08
N LYS A 34 -0.19 -8.10 9.53
CA LYS A 34 -1.18 -8.61 10.47
C LYS A 34 -0.88 -8.14 11.89
N ASP A 35 0.31 -8.45 12.37
CA ASP A 35 0.72 -8.05 13.71
C ASP A 35 0.44 -6.57 13.96
N LEU A 36 0.28 -5.83 12.87
CA LEU A 36 0.00 -4.40 12.97
C LEU A 36 -1.46 -4.10 12.64
N VAL A 37 -1.87 -4.44 11.42
CA VAL A 37 -3.25 -4.22 10.97
C VAL A 37 -4.22 -5.08 11.78
N VAL A 38 -4.05 -6.39 11.69
CA VAL A 38 -4.91 -7.31 12.41
C VAL A 38 -4.90 -7.03 13.92
N SER A 39 -3.79 -6.49 14.40
CA SER A 39 -3.64 -6.17 15.82
C SER A 39 -4.39 -4.89 16.16
N GLN A 40 -4.98 -4.26 15.15
CA GLN A 40 -5.72 -3.02 15.35
C GLN A 40 -4.79 -1.90 15.80
N VAL A 41 -3.62 -1.82 15.19
CA VAL A 41 -2.64 -0.80 15.53
C VAL A 41 -2.61 0.31 14.48
N ILE A 42 -2.68 -0.08 13.22
CA ILE A 42 -2.67 0.88 12.12
C ILE A 42 -3.64 0.47 11.02
N SER A 43 -3.67 1.25 9.95
CA SER A 43 -4.56 0.96 8.82
C SER A 43 -3.78 0.41 7.63
N ALA A 44 -4.41 -0.49 6.89
CA ALA A 44 -3.78 -1.09 5.72
C ALA A 44 -2.95 -0.06 4.95
N GLU A 45 -3.47 1.17 4.88
CA GLU A 45 -2.77 2.23 4.16
C GLU A 45 -1.43 2.54 4.81
N GLU A 46 -1.41 2.60 6.14
CA GLU A 46 -0.19 2.89 6.89
C GLU A 46 0.90 1.88 6.54
N PHE A 47 0.56 0.59 6.63
CA PHE A 47 1.52 -0.47 6.33
C PHE A 47 2.13 -0.29 4.94
N TRP A 48 1.26 -0.15 3.94
CA TRP A 48 1.71 0.04 2.57
C TRP A 48 2.38 1.39 2.39
N ALA A 49 2.00 2.35 3.24
CA ALA A 49 2.57 3.69 3.18
C ALA A 49 4.09 3.65 3.26
N ASN A 50 4.61 3.21 4.40
CA ASN A 50 6.05 3.13 4.60
C ASN A 50 6.60 1.81 4.06
N ARG A 51 6.04 1.36 2.93
CA ARG A 51 6.47 0.12 2.30
C ARG A 51 6.93 0.37 0.86
N LEU A 52 5.97 0.75 0.01
CA LEU A 52 6.27 1.01 -1.39
C LEU A 52 7.25 2.18 -1.53
N ASN A 53 7.63 2.48 -2.77
CA ASN A 53 8.56 3.57 -3.05
C ASN A 53 7.83 4.78 -3.63
N VAL A 54 8.54 5.90 -3.73
CA VAL A 54 7.96 7.12 -4.27
C VAL A 54 8.10 7.17 -5.79
N ASN A 55 7.01 6.91 -6.49
CA ASN A 55 7.00 6.91 -7.95
C ASN A 55 8.31 6.34 -8.50
N SER A 56 8.78 5.27 -7.88
CA SER A 56 10.01 4.62 -8.30
C SER A 56 10.08 4.50 -9.81
N GLY A 57 8.95 4.13 -10.43
CA GLY A 57 8.90 3.98 -11.87
C GLY A 57 9.96 3.03 -12.39
N PRO A 58 9.66 1.72 -12.32
CA PRO A 58 10.58 0.68 -12.79
C PRO A 58 10.71 0.66 -14.30
N SER A 59 9.58 0.73 -14.99
CA SER A 59 9.56 0.71 -16.46
C SER A 59 10.68 -0.17 -17.00
N SER A 60 10.79 -1.38 -16.44
CA SER A 60 11.81 -2.33 -16.87
C SER A 60 11.23 -3.37 -17.82
N GLY A 61 10.41 -2.91 -18.76
CA GLY A 61 9.80 -3.81 -19.73
C GLY A 61 10.80 -4.36 -20.72
N GLY A 1 9.12 18.20 -15.17
CA GLY A 1 8.38 17.65 -14.04
C GLY A 1 6.88 17.81 -14.22
N SER A 2 6.12 17.46 -13.17
CA SER A 2 4.68 17.56 -13.22
C SER A 2 4.22 18.99 -12.94
N SER A 3 2.95 19.26 -13.24
CA SER A 3 2.39 20.59 -13.03
C SER A 3 1.45 20.60 -11.82
N GLY A 4 1.07 21.80 -11.40
CA GLY A 4 0.18 21.93 -10.24
C GLY A 4 -1.16 21.28 -10.49
N SER A 5 -1.60 20.46 -9.55
CA SER A 5 -2.89 19.77 -9.67
C SER A 5 -2.96 18.97 -10.97
N SER A 6 -1.91 18.20 -11.24
CA SER A 6 -1.85 17.39 -12.45
C SER A 6 -2.34 15.97 -12.18
N GLY A 7 -3.61 15.71 -12.48
CA GLY A 7 -4.17 14.39 -12.27
C GLY A 7 -5.25 14.05 -13.28
N PHE A 8 -6.48 14.44 -12.99
CA PHE A 8 -7.60 14.17 -13.87
C PHE A 8 -7.53 12.74 -14.43
N LYS A 9 -7.19 11.79 -13.56
CA LYS A 9 -7.08 10.39 -13.95
C LYS A 9 -8.29 9.60 -13.48
N ARG A 10 -8.36 8.33 -13.87
CA ARG A 10 -9.46 7.47 -13.48
C ARG A 10 -9.24 6.89 -12.09
N LYS A 11 -10.28 6.27 -11.54
CA LYS A 11 -10.20 5.68 -10.20
C LYS A 11 -10.40 4.17 -10.27
N ALA A 12 -9.41 3.42 -9.79
CA ALA A 12 -9.49 1.97 -9.79
C ALA A 12 -8.58 1.38 -8.71
N ASN A 13 -8.99 0.24 -8.15
CA ASN A 13 -8.22 -0.43 -7.11
C ASN A 13 -7.13 -1.29 -7.73
N LYS A 14 -6.44 -0.75 -8.73
CA LYS A 14 -5.37 -1.48 -9.40
C LYS A 14 -4.23 -1.77 -8.44
N GLU A 15 -4.00 -0.87 -7.50
CA GLU A 15 -2.94 -1.04 -6.51
C GLU A 15 -3.11 -2.35 -5.75
N LEU A 16 -4.31 -2.54 -5.19
CA LEU A 16 -4.60 -3.75 -4.43
C LEU A 16 -4.08 -4.99 -5.14
N GLU A 17 -4.29 -5.05 -6.46
CA GLU A 17 -3.83 -6.18 -7.26
C GLU A 17 -2.31 -6.28 -7.23
N GLU A 18 -1.64 -5.13 -7.12
CA GLU A 18 -0.18 -5.10 -7.08
C GLU A 18 0.34 -5.43 -5.69
N LYS A 19 -0.05 -4.61 -4.72
CA LYS A 19 0.38 -4.81 -3.33
C LYS A 19 0.14 -6.26 -2.90
N ASN A 20 -0.91 -6.88 -3.44
CA ASN A 20 -1.24 -8.25 -3.11
C ASN A 20 -0.15 -9.21 -3.61
N ARG A 21 0.07 -9.21 -4.91
CA ARG A 21 1.08 -10.07 -5.52
C ARG A 21 2.28 -10.23 -4.59
N MET A 22 2.86 -9.09 -4.20
CA MET A 22 4.03 -9.10 -3.32
C MET A 22 3.77 -9.94 -2.08
N LEU A 23 2.65 -9.65 -1.40
CA LEU A 23 2.29 -10.38 -0.19
C LEU A 23 2.41 -11.89 -0.40
N GLN A 24 1.92 -12.36 -1.55
CA GLN A 24 1.98 -13.78 -1.87
C GLN A 24 3.42 -14.27 -1.92
N GLU A 25 4.22 -13.66 -2.79
CA GLU A 25 5.62 -14.04 -2.93
C GLU A 25 6.37 -13.85 -1.62
N ASP A 26 5.90 -12.92 -0.80
CA ASP A 26 6.53 -12.64 0.49
C ASP A 26 5.62 -13.08 1.64
N PRO A 27 5.64 -14.38 1.95
CA PRO A 27 4.83 -14.97 3.02
C PRO A 27 5.30 -14.52 4.40
N VAL A 28 6.43 -13.83 4.44
CA VAL A 28 6.99 -13.35 5.70
C VAL A 28 6.43 -11.98 6.07
N LEU A 29 6.26 -11.12 5.07
CA LEU A 29 5.74 -9.78 5.29
C LEU A 29 4.29 -9.83 5.76
N PHE A 30 3.47 -10.63 5.09
CA PHE A 30 2.07 -10.78 5.45
C PHE A 30 1.89 -10.77 6.96
N GLN A 31 2.69 -11.57 7.65
CA GLN A 31 2.63 -11.66 9.11
C GLN A 31 2.58 -10.26 9.73
N LEU A 32 3.47 -9.39 9.27
CA LEU A 32 3.54 -8.03 9.78
C LEU A 32 2.23 -7.28 9.52
N TYR A 33 1.88 -7.15 8.25
CA TYR A 33 0.65 -6.46 7.88
C TYR A 33 -0.51 -6.87 8.78
N LYS A 34 -0.52 -8.13 9.19
CA LYS A 34 -1.57 -8.66 10.05
C LYS A 34 -1.32 -8.25 11.51
N ASP A 35 -0.22 -8.72 12.06
CA ASP A 35 0.14 -8.41 13.44
C ASP A 35 -0.03 -6.91 13.72
N LEU A 36 0.00 -6.11 12.66
CA LEU A 36 -0.15 -4.67 12.79
C LEU A 36 -1.58 -4.25 12.47
N VAL A 37 -2.04 -4.57 11.27
CA VAL A 37 -3.38 -4.22 10.84
C VAL A 37 -4.43 -5.03 11.59
N VAL A 38 -4.30 -6.35 11.53
CA VAL A 38 -5.24 -7.24 12.20
C VAL A 38 -5.27 -6.96 13.71
N SER A 39 -4.15 -6.48 14.24
CA SER A 39 -4.05 -6.17 15.66
C SER A 39 -4.76 -4.87 15.99
N GLN A 40 -5.37 -4.25 14.96
CA GLN A 40 -6.09 -3.00 15.14
C GLN A 40 -5.17 -1.92 15.71
N VAL A 41 -3.89 -1.98 15.34
CA VAL A 41 -2.92 -1.00 15.82
C VAL A 41 -2.77 0.15 14.84
N ILE A 42 -2.74 -0.17 13.55
CA ILE A 42 -2.60 0.85 12.51
C ILE A 42 -3.49 0.52 11.31
N SER A 43 -3.56 1.46 10.36
CA SER A 43 -4.37 1.27 9.17
C SER A 43 -3.52 0.76 8.01
N ALA A 44 -4.11 -0.11 7.19
CA ALA A 44 -3.41 -0.68 6.05
C ALA A 44 -2.62 0.39 5.30
N GLU A 45 -3.19 1.57 5.17
CA GLU A 45 -2.53 2.68 4.49
C GLU A 45 -1.16 2.96 5.10
N GLU A 46 -1.10 2.93 6.43
CA GLU A 46 0.15 3.19 7.14
C GLU A 46 1.19 2.13 6.81
N PHE A 47 0.78 0.86 6.86
CA PHE A 47 1.68 -0.25 6.57
C PHE A 47 2.32 -0.08 5.20
N TRP A 48 1.50 -0.12 4.16
CA TRP A 48 2.00 0.02 2.79
C TRP A 48 2.78 1.32 2.64
N ALA A 49 2.25 2.40 3.19
CA ALA A 49 2.91 3.70 3.11
C ALA A 49 4.42 3.55 3.15
N ASN A 50 4.90 2.70 4.05
CA ASN A 50 6.34 2.46 4.20
C ASN A 50 6.93 1.91 2.91
N ARG A 51 6.33 0.84 2.39
CA ARG A 51 6.80 0.21 1.16
C ARG A 51 6.39 1.04 -0.05
N LEU A 52 5.09 1.15 -0.27
CA LEU A 52 4.56 1.92 -1.40
C LEU A 52 4.75 3.41 -1.18
N ASN A 53 4.78 4.16 -2.28
CA ASN A 53 4.96 5.61 -2.21
C ASN A 53 3.81 6.33 -2.91
N VAL A 54 3.56 7.57 -2.52
CA VAL A 54 2.50 8.37 -3.11
C VAL A 54 2.95 9.01 -4.42
N ASN A 55 4.07 9.72 -4.37
CA ASN A 55 4.60 10.38 -5.54
C ASN A 55 5.12 9.36 -6.56
N SER A 56 4.90 9.64 -7.84
CA SER A 56 5.33 8.74 -8.91
C SER A 56 5.94 9.52 -10.06
N GLY A 57 7.17 9.17 -10.43
CA GLY A 57 7.84 9.85 -11.52
C GLY A 57 7.92 9.01 -12.78
N PRO A 58 6.83 9.01 -13.57
CA PRO A 58 6.75 8.24 -14.81
C PRO A 58 7.67 8.80 -15.89
N SER A 59 8.40 7.91 -16.56
CA SER A 59 9.32 8.32 -17.63
C SER A 59 8.79 7.88 -18.99
N SER A 60 9.27 8.54 -20.03
CA SER A 60 8.85 8.23 -21.40
C SER A 60 10.04 7.80 -22.25
N GLY A 61 9.92 6.64 -22.87
CA GLY A 61 10.99 6.14 -23.71
C GLY A 61 10.56 4.99 -24.60
N GLY A 1 12.67 13.84 5.75
CA GLY A 1 11.84 15.01 6.00
C GLY A 1 10.66 15.11 5.04
N SER A 2 9.76 14.14 5.12
CA SER A 2 8.58 14.12 4.26
C SER A 2 7.35 14.60 5.01
N SER A 3 6.83 15.75 4.60
CA SER A 3 5.65 16.33 5.23
C SER A 3 4.43 16.21 4.31
N GLY A 4 3.78 15.04 4.34
CA GLY A 4 2.61 14.82 3.52
C GLY A 4 2.97 14.66 2.04
N SER A 5 2.66 15.69 1.26
CA SER A 5 2.94 15.65 -0.17
C SER A 5 2.17 14.52 -0.86
N SER A 6 0.90 14.36 -0.47
CA SER A 6 0.07 13.31 -1.04
C SER A 6 -0.70 13.83 -2.26
N GLY A 7 -1.23 12.90 -3.05
CA GLY A 7 -1.97 13.28 -4.24
C GLY A 7 -2.52 12.08 -4.98
N PHE A 8 -3.82 11.82 -4.80
CA PHE A 8 -4.47 10.69 -5.46
C PHE A 8 -5.01 11.09 -6.83
N LYS A 9 -4.22 11.87 -7.56
CA LYS A 9 -4.61 12.33 -8.89
C LYS A 9 -5.44 11.25 -9.61
N ARG A 10 -4.87 10.06 -9.72
CA ARG A 10 -5.56 8.96 -10.38
C ARG A 10 -5.53 7.70 -9.52
N LYS A 11 -6.63 7.42 -8.85
CA LYS A 11 -6.73 6.23 -8.00
C LYS A 11 -7.22 5.03 -8.78
N ALA A 12 -6.29 4.30 -9.39
CA ALA A 12 -6.62 3.11 -10.17
C ALA A 12 -6.57 1.86 -9.31
N ASN A 13 -6.93 0.73 -9.91
CA ASN A 13 -6.93 -0.54 -9.19
C ASN A 13 -5.64 -1.31 -9.43
N LYS A 14 -5.08 -1.15 -10.63
CA LYS A 14 -3.84 -1.82 -11.00
C LYS A 14 -2.91 -1.92 -9.80
N GLU A 15 -2.98 -0.92 -8.92
CA GLU A 15 -2.13 -0.91 -7.72
C GLU A 15 -2.60 -1.94 -6.70
N LEU A 16 -3.89 -1.88 -6.37
CA LEU A 16 -4.46 -2.82 -5.41
C LEU A 16 -3.97 -4.24 -5.66
N GLU A 17 -4.03 -4.67 -6.91
CA GLU A 17 -3.58 -6.01 -7.28
C GLU A 17 -2.17 -6.27 -6.79
N GLU A 18 -1.23 -5.43 -7.23
CA GLU A 18 0.16 -5.56 -6.83
C GLU A 18 0.28 -5.85 -5.34
N LYS A 19 -0.19 -4.91 -4.53
CA LYS A 19 -0.13 -5.05 -3.08
C LYS A 19 -0.46 -6.48 -2.66
N ASN A 20 -1.49 -7.06 -3.29
CA ASN A 20 -1.90 -8.43 -2.99
C ASN A 20 -0.87 -9.43 -3.49
N ARG A 21 -0.45 -9.27 -4.74
CA ARG A 21 0.54 -10.16 -5.34
C ARG A 21 1.78 -10.25 -4.46
N MET A 22 2.32 -9.10 -4.07
CA MET A 22 3.51 -9.05 -3.24
C MET A 22 3.35 -9.95 -2.01
N LEU A 23 2.22 -9.82 -1.34
CA LEU A 23 1.94 -10.63 -0.15
C LEU A 23 1.98 -12.11 -0.48
N GLN A 24 1.39 -12.48 -1.61
CA GLN A 24 1.36 -13.87 -2.04
C GLN A 24 2.77 -14.44 -2.16
N GLU A 25 3.60 -13.79 -2.96
CA GLU A 25 4.98 -14.23 -3.17
C GLU A 25 5.79 -14.08 -1.88
N ASP A 26 5.49 -13.03 -1.12
CA ASP A 26 6.19 -12.78 0.14
C ASP A 26 5.29 -13.10 1.33
N PRO A 27 5.22 -14.38 1.69
CA PRO A 27 4.40 -14.85 2.82
C PRO A 27 4.98 -14.40 4.16
N VAL A 28 6.18 -13.85 4.14
CA VAL A 28 6.84 -13.39 5.36
C VAL A 28 6.35 -11.99 5.74
N LEU A 29 6.38 -11.07 4.77
CA LEU A 29 5.94 -9.71 5.00
C LEU A 29 4.54 -9.67 5.61
N PHE A 30 3.63 -10.44 5.01
CA PHE A 30 2.26 -10.50 5.50
C PHE A 30 2.21 -10.51 7.02
N GLN A 31 3.01 -11.39 7.62
CA GLN A 31 3.07 -11.51 9.07
C GLN A 31 2.99 -10.14 9.73
N LEU A 32 3.94 -9.26 9.39
CA LEU A 32 3.99 -7.92 9.96
C LEU A 32 2.64 -7.22 9.79
N TYR A 33 2.23 -7.03 8.53
CA TYR A 33 0.96 -6.37 8.24
C TYR A 33 -0.12 -6.80 9.22
N LYS A 34 -0.12 -8.08 9.57
CA LYS A 34 -1.10 -8.62 10.50
C LYS A 34 -0.76 -8.23 11.94
N ASP A 35 0.40 -8.69 12.41
CA ASP A 35 0.84 -8.38 13.76
C ASP A 35 0.60 -6.91 14.10
N LEU A 36 0.61 -6.07 13.07
CA LEU A 36 0.38 -4.64 13.26
C LEU A 36 -1.08 -4.28 13.02
N VAL A 37 -1.56 -4.54 11.81
CA VAL A 37 -2.94 -4.25 11.46
C VAL A 37 -3.92 -5.11 12.26
N VAL A 38 -3.80 -6.42 12.12
CA VAL A 38 -4.67 -7.35 12.84
C VAL A 38 -4.62 -7.09 14.33
N SER A 39 -3.53 -6.49 14.79
CA SER A 39 -3.35 -6.19 16.21
C SER A 39 -3.98 -4.84 16.55
N GLN A 40 -4.86 -4.36 15.69
CA GLN A 40 -5.53 -3.08 15.90
C GLN A 40 -4.52 -2.01 16.27
N VAL A 41 -3.34 -2.06 15.66
CA VAL A 41 -2.29 -1.09 15.93
C VAL A 41 -2.23 -0.03 14.83
N ILE A 42 -2.46 -0.44 13.60
CA ILE A 42 -2.44 0.47 12.47
C ILE A 42 -3.38 0.00 11.37
N SER A 43 -3.54 0.83 10.34
CA SER A 43 -4.42 0.50 9.22
C SER A 43 -3.61 0.05 8.01
N ALA A 44 -4.23 -0.77 7.16
CA ALA A 44 -3.56 -1.27 5.96
C ALA A 44 -2.82 -0.15 5.24
N GLU A 45 -3.44 1.02 5.18
CA GLU A 45 -2.84 2.17 4.51
C GLU A 45 -1.52 2.56 5.17
N GLU A 46 -1.47 2.46 6.49
CA GLU A 46 -0.28 2.80 7.24
C GLU A 46 0.88 1.87 6.87
N PHE A 47 0.60 0.56 6.88
CA PHE A 47 1.62 -0.43 6.54
C PHE A 47 2.26 -0.12 5.20
N TRP A 48 1.45 -0.04 4.16
CA TRP A 48 1.94 0.26 2.82
C TRP A 48 2.46 1.69 2.74
N ALA A 49 1.83 2.58 3.50
CA ALA A 49 2.22 3.98 3.51
C ALA A 49 3.74 4.13 3.39
N ASN A 50 4.46 3.47 4.29
CA ASN A 50 5.92 3.52 4.29
C ASN A 50 6.51 2.46 3.36
N ARG A 51 5.86 1.30 3.31
CA ARG A 51 6.31 0.21 2.46
C ARG A 51 6.60 0.71 1.05
N LEU A 52 5.57 1.21 0.37
CA LEU A 52 5.72 1.71 -0.99
C LEU A 52 6.42 3.06 -0.99
N ASN A 53 6.81 3.52 -2.17
CA ASN A 53 7.49 4.81 -2.32
C ASN A 53 6.49 5.92 -2.63
N VAL A 54 5.98 6.56 -1.60
CA VAL A 54 5.01 7.64 -1.76
C VAL A 54 5.39 8.53 -2.93
N ASN A 55 6.61 9.05 -2.92
CA ASN A 55 7.09 9.91 -3.99
C ASN A 55 6.82 9.29 -5.36
N SER A 56 6.03 9.99 -6.17
CA SER A 56 5.70 9.51 -7.50
C SER A 56 5.90 10.60 -8.54
N GLY A 57 6.96 10.47 -9.33
CA GLY A 57 7.26 11.46 -10.36
C GLY A 57 8.00 12.65 -9.81
N PRO A 58 8.89 13.23 -10.63
CA PRO A 58 9.69 14.39 -10.25
C PRO A 58 8.85 15.66 -10.12
N SER A 59 7.82 15.77 -10.96
CA SER A 59 6.95 16.93 -10.95
C SER A 59 6.39 17.17 -9.54
N SER A 60 5.93 16.10 -8.90
CA SER A 60 5.37 16.19 -7.56
C SER A 60 4.50 17.43 -7.42
N GLY A 61 3.68 17.69 -8.46
CA GLY A 61 2.81 18.85 -8.42
C GLY A 61 1.56 18.64 -9.25
N GLY A 1 7.01 14.50 11.79
CA GLY A 1 5.79 14.43 11.00
C GLY A 1 5.27 15.81 10.61
N SER A 2 5.02 16.01 9.33
CA SER A 2 4.52 17.29 8.83
C SER A 2 3.22 17.12 8.07
N SER A 3 2.56 18.23 7.76
CA SER A 3 1.30 18.20 7.03
C SER A 3 1.39 17.29 5.81
N GLY A 4 0.26 17.07 5.15
CA GLY A 4 0.24 16.22 3.98
C GLY A 4 -0.17 16.98 2.72
N SER A 5 -0.71 16.26 1.75
CA SER A 5 -1.14 16.87 0.49
C SER A 5 -2.48 16.30 0.05
N SER A 6 -3.00 16.82 -1.06
CA SER A 6 -4.28 16.38 -1.59
C SER A 6 -4.26 14.88 -1.87
N GLY A 7 -5.41 14.24 -1.71
CA GLY A 7 -5.51 12.81 -1.94
C GLY A 7 -6.28 12.48 -3.20
N PHE A 8 -6.32 11.20 -3.55
CA PHE A 8 -7.02 10.75 -4.75
C PHE A 8 -7.19 9.23 -4.75
N LYS A 9 -8.35 8.77 -5.20
CA LYS A 9 -8.62 7.34 -5.26
C LYS A 9 -8.86 6.90 -6.69
N ARG A 10 -7.86 6.24 -7.29
CA ARG A 10 -7.97 5.76 -8.66
C ARG A 10 -9.29 5.01 -8.87
N LYS A 11 -9.89 5.23 -10.04
CA LYS A 11 -11.15 4.59 -10.37
C LYS A 11 -11.14 3.11 -9.97
N ALA A 12 -10.18 2.37 -10.52
CA ALA A 12 -10.05 0.94 -10.21
C ALA A 12 -9.11 0.72 -9.03
N ASN A 13 -9.01 -0.53 -8.59
CA ASN A 13 -8.15 -0.87 -7.47
C ASN A 13 -6.89 -1.58 -7.94
N LYS A 14 -6.31 -1.07 -9.04
CA LYS A 14 -5.10 -1.65 -9.60
C LYS A 14 -4.05 -1.87 -8.51
N GLU A 15 -3.84 -0.85 -7.68
CA GLU A 15 -2.86 -0.94 -6.60
C GLU A 15 -3.03 -2.23 -5.82
N LEU A 16 -4.23 -2.42 -5.25
CA LEU A 16 -4.52 -3.61 -4.47
C LEU A 16 -3.85 -4.84 -5.08
N GLU A 17 -4.14 -5.10 -6.35
CA GLU A 17 -3.57 -6.24 -7.05
C GLU A 17 -2.06 -6.31 -6.84
N GLU A 18 -1.36 -5.26 -7.29
CA GLU A 18 0.09 -5.21 -7.15
C GLU A 18 0.51 -5.47 -5.71
N LYS A 19 0.11 -4.58 -4.81
CA LYS A 19 0.44 -4.72 -3.40
C LYS A 19 0.35 -6.18 -2.96
N ASN A 20 -0.76 -6.83 -3.29
CA ASN A 20 -0.96 -8.23 -2.92
C ASN A 20 0.05 -9.13 -3.62
N ARG A 21 0.26 -8.89 -4.91
CA ARG A 21 1.21 -9.68 -5.68
C ARG A 21 2.47 -9.96 -4.88
N MET A 22 2.82 -9.02 -4.01
CA MET A 22 4.01 -9.16 -3.17
C MET A 22 3.74 -10.07 -1.98
N LEU A 23 2.53 -9.95 -1.42
CA LEU A 23 2.13 -10.76 -0.27
C LEU A 23 2.03 -12.23 -0.66
N GLN A 24 1.42 -12.50 -1.80
CA GLN A 24 1.25 -13.87 -2.29
C GLN A 24 2.59 -14.57 -2.40
N GLU A 25 3.62 -13.81 -2.75
CA GLU A 25 4.97 -14.37 -2.91
C GLU A 25 5.77 -14.21 -1.61
N ASP A 26 5.43 -13.19 -0.84
CA ASP A 26 6.12 -12.92 0.42
C ASP A 26 5.23 -13.27 1.61
N PRO A 27 5.19 -14.56 1.97
CA PRO A 27 4.39 -15.06 3.09
C PRO A 27 4.92 -14.60 4.44
N VAL A 28 6.15 -14.09 4.44
CA VAL A 28 6.78 -13.60 5.67
C VAL A 28 6.34 -12.17 5.98
N LEU A 29 6.30 -11.34 4.95
CA LEU A 29 5.89 -9.95 5.11
C LEU A 29 4.44 -9.85 5.58
N PHE A 30 3.60 -10.72 5.04
CA PHE A 30 2.18 -10.73 5.40
C PHE A 30 2.00 -10.67 6.92
N GLN A 31 2.84 -11.43 7.63
CA GLN A 31 2.77 -11.46 9.08
C GLN A 31 2.74 -10.05 9.66
N LEU A 32 3.77 -9.26 9.34
CA LEU A 32 3.85 -7.90 9.84
C LEU A 32 2.55 -7.14 9.60
N TYR A 33 2.09 -7.15 8.35
CA TYR A 33 0.86 -6.46 7.99
C TYR A 33 -0.27 -6.85 8.94
N LYS A 34 -0.28 -8.11 9.35
CA LYS A 34 -1.30 -8.61 10.26
C LYS A 34 -1.01 -8.19 11.70
N ASP A 35 0.10 -8.66 12.24
CA ASP A 35 0.50 -8.33 13.60
C ASP A 35 0.30 -6.84 13.87
N LEU A 36 0.27 -6.04 12.81
CA LEU A 36 0.08 -4.60 12.94
C LEU A 36 -1.36 -4.21 12.63
N VAL A 37 -1.82 -4.58 11.43
CA VAL A 37 -3.18 -4.27 11.01
C VAL A 37 -4.20 -5.12 11.76
N VAL A 38 -4.02 -6.45 11.71
CA VAL A 38 -4.91 -7.37 12.38
C VAL A 38 -4.95 -7.11 13.88
N SER A 39 -3.93 -6.43 14.38
CA SER A 39 -3.84 -6.11 15.80
C SER A 39 -4.53 -4.79 16.11
N GLN A 40 -5.14 -4.20 15.08
CA GLN A 40 -5.84 -2.93 15.24
C GLN A 40 -4.88 -1.82 15.68
N VAL A 41 -3.61 -1.97 15.31
CA VAL A 41 -2.59 -0.98 15.65
C VAL A 41 -2.49 0.10 14.60
N ILE A 42 -2.64 -0.29 13.33
CA ILE A 42 -2.58 0.66 12.23
C ILE A 42 -3.49 0.23 11.08
N SER A 43 -3.56 1.07 10.05
CA SER A 43 -4.40 0.78 8.89
C SER A 43 -3.55 0.35 7.71
N ALA A 44 -4.16 -0.41 6.79
CA ALA A 44 -3.45 -0.89 5.61
C ALA A 44 -2.65 0.24 4.96
N GLU A 45 -3.31 1.37 4.70
CA GLU A 45 -2.65 2.51 4.08
C GLU A 45 -1.36 2.85 4.80
N GLU A 46 -1.34 2.64 6.11
CA GLU A 46 -0.15 2.92 6.91
C GLU A 46 0.94 1.89 6.64
N PHE A 47 0.58 0.62 6.73
CA PHE A 47 1.52 -0.47 6.50
C PHE A 47 2.26 -0.29 5.18
N TRP A 48 1.49 -0.05 4.12
CA TRP A 48 2.07 0.14 2.79
C TRP A 48 2.68 1.52 2.65
N ALA A 49 2.03 2.52 3.25
CA ALA A 49 2.52 3.89 3.20
C ALA A 49 4.04 3.94 3.34
N ASN A 50 4.55 3.22 4.32
CA ASN A 50 6.00 3.18 4.57
C ASN A 50 6.72 2.52 3.40
N ARG A 51 6.21 1.36 2.98
CA ARG A 51 6.81 0.63 1.88
C ARG A 51 6.62 1.37 0.55
N LEU A 52 5.38 1.41 0.08
CA LEU A 52 5.07 2.10 -1.17
C LEU A 52 5.29 3.60 -1.04
N ASN A 53 5.71 4.23 -2.14
CA ASN A 53 5.95 5.66 -2.15
C ASN A 53 4.64 6.44 -2.20
N VAL A 54 4.69 7.70 -1.76
CA VAL A 54 3.50 8.55 -1.76
C VAL A 54 2.99 8.79 -3.17
N ASN A 55 3.92 8.94 -4.11
CA ASN A 55 3.56 9.18 -5.51
C ASN A 55 3.27 7.87 -6.23
N SER A 56 2.07 7.34 -6.02
CA SER A 56 1.67 6.09 -6.65
C SER A 56 1.13 6.33 -8.06
N GLY A 57 1.84 5.82 -9.06
CA GLY A 57 1.42 5.99 -10.44
C GLY A 57 2.47 5.55 -11.43
N PRO A 58 2.50 4.23 -11.71
CA PRO A 58 3.46 3.64 -12.65
C PRO A 58 3.17 4.05 -14.09
N SER A 59 2.07 4.75 -14.30
CA SER A 59 1.69 5.20 -15.64
C SER A 59 2.75 6.11 -16.24
N SER A 60 2.76 6.21 -17.56
CA SER A 60 3.74 7.04 -18.26
C SER A 60 3.24 8.48 -18.38
N GLY A 61 2.08 8.65 -18.99
CA GLY A 61 1.51 9.97 -19.16
C GLY A 61 1.08 10.24 -20.59
N GLY A 1 9.88 17.42 9.15
CA GLY A 1 9.03 17.33 7.98
C GLY A 1 7.60 16.98 8.32
N SER A 2 6.96 16.18 7.47
CA SER A 2 5.57 15.77 7.69
C SER A 2 4.63 16.95 7.51
N SER A 3 4.87 17.75 6.47
CA SER A 3 4.05 18.92 6.19
C SER A 3 2.57 18.56 6.28
N GLY A 4 2.18 17.50 5.57
CA GLY A 4 0.79 17.07 5.58
C GLY A 4 0.15 17.19 4.21
N SER A 5 -0.08 16.04 3.57
CA SER A 5 -0.69 16.02 2.24
C SER A 5 -1.94 15.14 2.23
N SER A 6 -2.73 15.26 1.18
CA SER A 6 -3.96 14.49 1.05
C SER A 6 -4.31 14.28 -0.42
N GLY A 7 -5.26 13.38 -0.66
CA GLY A 7 -5.68 13.09 -2.03
C GLY A 7 -5.18 11.74 -2.52
N PHE A 8 -5.86 10.67 -2.10
CA PHE A 8 -5.49 9.33 -2.50
C PHE A 8 -6.54 8.71 -3.42
N LYS A 9 -7.10 9.55 -4.29
CA LYS A 9 -8.11 9.09 -5.24
C LYS A 9 -7.79 7.70 -5.77
N ARG A 10 -8.82 6.89 -5.99
CA ARG A 10 -8.63 5.54 -6.50
C ARG A 10 -9.31 5.38 -7.85
N LYS A 11 -8.62 5.74 -8.91
CA LYS A 11 -9.14 5.63 -10.27
C LYS A 11 -9.38 4.17 -10.64
N ALA A 12 -8.37 3.34 -10.41
CA ALA A 12 -8.47 1.92 -10.73
C ALA A 12 -7.94 1.07 -9.58
N ASN A 13 -8.34 -0.19 -9.56
CA ASN A 13 -7.90 -1.11 -8.50
C ASN A 13 -6.57 -1.76 -8.87
N LYS A 14 -5.60 -0.93 -9.25
CA LYS A 14 -4.27 -1.41 -9.61
C LYS A 14 -3.38 -1.52 -8.39
N GLU A 15 -3.25 -0.42 -7.65
CA GLU A 15 -2.41 -0.39 -6.46
C GLU A 15 -2.66 -1.62 -5.59
N LEU A 16 -3.93 -1.96 -5.38
CA LEU A 16 -4.29 -3.12 -4.58
C LEU A 16 -3.71 -4.40 -5.18
N GLU A 17 -3.80 -4.53 -6.50
CA GLU A 17 -3.29 -5.71 -7.19
C GLU A 17 -1.86 -6.01 -6.75
N GLU A 18 -0.96 -5.06 -7.00
CA GLU A 18 0.44 -5.23 -6.64
C GLU A 18 0.58 -5.67 -5.19
N LYS A 19 0.04 -4.87 -4.28
CA LYS A 19 0.09 -5.18 -2.85
C LYS A 19 -0.23 -6.65 -2.60
N ASN A 20 -1.22 -7.17 -3.32
CA ASN A 20 -1.63 -8.56 -3.17
C ASN A 20 -0.53 -9.50 -3.64
N ARG A 21 -0.04 -9.27 -4.86
CA ARG A 21 1.02 -10.10 -5.43
C ARG A 21 2.19 -10.23 -4.46
N MET A 22 2.64 -9.10 -3.94
CA MET A 22 3.75 -9.08 -3.00
C MET A 22 3.45 -9.94 -1.78
N LEU A 23 2.20 -9.88 -1.31
CA LEU A 23 1.79 -10.66 -0.16
C LEU A 23 1.94 -12.15 -0.41
N GLN A 24 1.32 -12.63 -1.48
CA GLN A 24 1.39 -14.04 -1.84
C GLN A 24 2.84 -14.49 -2.00
N GLU A 25 3.55 -13.82 -2.91
CA GLU A 25 4.95 -14.15 -3.16
C GLU A 25 5.78 -14.07 -1.88
N ASP A 26 5.54 -13.02 -1.09
CA ASP A 26 6.25 -12.84 0.16
C ASP A 26 5.34 -13.09 1.35
N PRO A 27 5.18 -14.37 1.72
CA PRO A 27 4.34 -14.77 2.85
C PRO A 27 4.91 -14.36 4.19
N VAL A 28 6.23 -14.14 4.22
CA VAL A 28 6.91 -13.73 5.45
C VAL A 28 6.59 -12.28 5.80
N LEU A 29 6.52 -11.43 4.79
CA LEU A 29 6.21 -10.03 5.00
C LEU A 29 4.78 -9.84 5.48
N PHE A 30 3.87 -10.64 4.93
CA PHE A 30 2.47 -10.57 5.31
C PHE A 30 2.31 -10.47 6.83
N GLN A 31 2.91 -11.41 7.54
CA GLN A 31 2.84 -11.43 9.00
C GLN A 31 2.83 -10.01 9.56
N LEU A 32 3.82 -9.22 9.19
CA LEU A 32 3.92 -7.85 9.65
C LEU A 32 2.59 -7.12 9.48
N TYR A 33 2.07 -7.12 8.25
CA TYR A 33 0.81 -6.45 7.97
C TYR A 33 -0.26 -6.82 8.99
N LYS A 34 -0.22 -8.08 9.43
CA LYS A 34 -1.19 -8.57 10.42
C LYS A 34 -0.83 -8.07 11.81
N ASP A 35 0.34 -8.48 12.30
CA ASP A 35 0.79 -8.09 13.63
C ASP A 35 0.58 -6.58 13.84
N LEU A 36 0.48 -5.84 12.75
CA LEU A 36 0.28 -4.40 12.81
C LEU A 36 -1.18 -4.05 12.62
N VAL A 37 -1.74 -4.41 11.46
CA VAL A 37 -3.13 -4.13 11.16
C VAL A 37 -4.06 -4.98 12.02
N VAL A 38 -3.88 -6.30 11.97
CA VAL A 38 -4.70 -7.22 12.74
C VAL A 38 -4.60 -6.91 14.23
N SER A 39 -3.57 -6.16 14.62
CA SER A 39 -3.36 -5.80 16.01
C SER A 39 -4.04 -4.47 16.34
N GLN A 40 -4.80 -3.94 15.38
CA GLN A 40 -5.50 -2.69 15.56
C GLN A 40 -4.52 -1.56 15.89
N VAL A 41 -3.28 -1.71 15.43
CA VAL A 41 -2.25 -0.71 15.67
C VAL A 41 -2.25 0.35 14.57
N ILE A 42 -2.40 -0.09 13.32
CA ILE A 42 -2.42 0.81 12.19
C ILE A 42 -3.42 0.35 11.13
N SER A 43 -3.54 1.13 10.06
CA SER A 43 -4.46 0.81 8.98
C SER A 43 -3.72 0.23 7.79
N ALA A 44 -4.43 -0.56 6.98
CA ALA A 44 -3.84 -1.18 5.80
C ALA A 44 -3.05 -0.16 4.98
N GLU A 45 -3.63 1.03 4.80
CA GLU A 45 -2.98 2.08 4.04
C GLU A 45 -1.67 2.50 4.70
N GLU A 46 -1.68 2.60 6.03
CA GLU A 46 -0.50 2.98 6.76
C GLU A 46 0.65 1.99 6.55
N PHE A 47 0.30 0.70 6.58
CA PHE A 47 1.30 -0.35 6.38
C PHE A 47 2.00 -0.19 5.05
N TRP A 48 1.21 -0.14 3.97
CA TRP A 48 1.76 0.01 2.63
C TRP A 48 2.47 1.35 2.47
N ALA A 49 1.84 2.41 2.96
CA ALA A 49 2.41 3.74 2.88
C ALA A 49 3.91 3.71 3.11
N ASN A 50 4.35 2.90 4.07
CA ASN A 50 5.76 2.79 4.40
C ASN A 50 6.51 2.07 3.28
N ARG A 51 6.08 0.86 2.95
CA ARG A 51 6.70 0.06 1.90
C ARG A 51 6.78 0.86 0.60
N LEU A 52 5.61 1.26 0.09
CA LEU A 52 5.54 2.03 -1.15
C LEU A 52 6.18 3.40 -0.98
N ASN A 53 7.28 3.63 -1.69
CA ASN A 53 7.99 4.91 -1.63
C ASN A 53 7.20 6.00 -2.32
N VAL A 54 6.59 5.66 -3.46
CA VAL A 54 5.80 6.62 -4.21
C VAL A 54 4.39 6.76 -3.65
N ASN A 55 4.24 7.62 -2.65
CA ASN A 55 2.95 7.84 -2.01
C ASN A 55 1.89 8.24 -3.04
N SER A 56 2.17 9.32 -3.76
CA SER A 56 1.24 9.81 -4.78
C SER A 56 0.84 8.70 -5.74
N GLY A 57 -0.46 8.57 -5.99
CA GLY A 57 -0.94 7.54 -6.88
C GLY A 57 -0.69 7.87 -8.34
N PRO A 58 -1.67 8.52 -8.99
CA PRO A 58 -1.58 8.91 -10.40
C PRO A 58 -0.56 10.01 -10.62
N SER A 59 0.26 9.87 -11.65
CA SER A 59 1.28 10.86 -11.97
C SER A 59 0.91 11.63 -13.23
N SER A 60 0.69 10.90 -14.33
CA SER A 60 0.34 11.51 -15.59
C SER A 60 -1.17 11.47 -15.82
N GLY A 61 -1.67 12.37 -16.66
CA GLY A 61 -3.09 12.41 -16.94
C GLY A 61 -3.45 13.54 -17.89
N GLY A 1 9.97 13.62 -11.15
CA GLY A 1 8.86 14.43 -10.68
C GLY A 1 9.06 14.91 -9.26
N SER A 2 8.38 14.27 -8.32
CA SER A 2 8.48 14.64 -6.91
C SER A 2 8.18 16.13 -6.72
N SER A 3 7.16 16.61 -7.41
CA SER A 3 6.76 18.01 -7.33
C SER A 3 5.26 18.14 -7.11
N GLY A 4 4.88 18.66 -5.94
CA GLY A 4 3.47 18.82 -5.63
C GLY A 4 2.77 17.50 -5.39
N SER A 5 2.20 17.34 -4.20
CA SER A 5 1.50 16.12 -3.84
C SER A 5 0.05 16.16 -4.34
N SER A 6 -0.21 15.47 -5.45
CA SER A 6 -1.54 15.42 -6.03
C SER A 6 -1.95 13.99 -6.36
N GLY A 7 -3.21 13.80 -6.70
CA GLY A 7 -3.70 12.47 -7.03
C GLY A 7 -5.20 12.34 -6.81
N PHE A 8 -5.86 11.60 -7.70
CA PHE A 8 -7.30 11.39 -7.60
C PHE A 8 -7.63 9.90 -7.58
N LYS A 9 -8.30 9.46 -6.52
CA LYS A 9 -8.68 8.06 -6.38
C LYS A 9 -9.50 7.60 -7.57
N ARG A 10 -8.99 6.59 -8.28
CA ARG A 10 -9.69 6.05 -9.45
C ARG A 10 -10.61 4.90 -9.05
N LYS A 11 -11.58 4.62 -9.91
CA LYS A 11 -12.53 3.54 -9.66
C LYS A 11 -11.83 2.18 -9.66
N ALA A 12 -11.01 1.95 -10.68
CA ALA A 12 -10.28 0.70 -10.80
C ALA A 12 -9.17 0.60 -9.76
N ASN A 13 -9.12 -0.52 -9.05
CA ASN A 13 -8.09 -0.73 -8.02
C ASN A 13 -6.85 -1.37 -8.62
N LYS A 14 -5.75 -0.62 -8.63
CA LYS A 14 -4.49 -1.11 -9.17
C LYS A 14 -3.50 -1.41 -8.05
N GLU A 15 -3.29 -0.43 -7.17
CA GLU A 15 -2.36 -0.59 -6.05
C GLU A 15 -2.65 -1.88 -5.29
N LEU A 16 -3.94 -2.15 -5.05
CA LEU A 16 -4.35 -3.35 -4.33
C LEU A 16 -3.84 -4.61 -5.03
N GLU A 17 -3.98 -4.64 -6.35
CA GLU A 17 -3.54 -5.78 -7.14
C GLU A 17 -2.11 -6.16 -6.78
N GLU A 18 -1.19 -5.21 -6.94
CA GLU A 18 0.21 -5.44 -6.64
C GLU A 18 0.38 -6.02 -5.24
N LYS A 19 -0.02 -5.26 -4.24
CA LYS A 19 0.08 -5.70 -2.84
C LYS A 19 -0.34 -7.16 -2.71
N ASN A 20 -1.53 -7.47 -3.22
CA ASN A 20 -2.05 -8.84 -3.16
C ASN A 20 -1.00 -9.84 -3.61
N ARG A 21 -0.49 -9.66 -4.83
CA ARG A 21 0.52 -10.55 -5.38
C ARG A 21 1.76 -10.58 -4.49
N MET A 22 2.33 -9.42 -4.24
CA MET A 22 3.53 -9.31 -3.41
C MET A 22 3.44 -10.25 -2.21
N LEU A 23 2.35 -10.14 -1.47
CA LEU A 23 2.13 -10.97 -0.28
C LEU A 23 2.32 -12.45 -0.63
N GLN A 24 1.57 -12.92 -1.63
CA GLN A 24 1.67 -14.32 -2.05
C GLN A 24 3.12 -14.77 -2.13
N GLU A 25 3.90 -14.06 -2.92
CA GLU A 25 5.32 -14.40 -3.08
C GLU A 25 6.10 -14.08 -1.81
N ASP A 26 5.60 -13.12 -1.04
CA ASP A 26 6.25 -12.73 0.21
C ASP A 26 5.41 -13.13 1.41
N PRO A 27 5.52 -14.41 1.80
CA PRO A 27 4.77 -14.96 2.94
C PRO A 27 5.27 -14.41 4.27
N VAL A 28 6.38 -13.68 4.23
CA VAL A 28 6.96 -13.09 5.43
C VAL A 28 6.43 -11.68 5.68
N LEU A 29 6.19 -10.96 4.58
CA LEU A 29 5.67 -9.59 4.68
C LEU A 29 4.26 -9.58 5.25
N PHE A 30 3.45 -10.55 4.83
CA PHE A 30 2.07 -10.65 5.31
C PHE A 30 2.02 -10.58 6.83
N GLN A 31 2.78 -11.45 7.49
CA GLN A 31 2.82 -11.49 8.95
C GLN A 31 2.81 -10.08 9.53
N LEU A 32 3.81 -9.28 9.17
CA LEU A 32 3.91 -7.92 9.65
C LEU A 32 2.62 -7.14 9.40
N TYR A 33 2.12 -7.25 8.17
CA TYR A 33 0.88 -6.56 7.80
C TYR A 33 -0.26 -6.91 8.75
N LYS A 34 -0.27 -8.16 9.21
CA LYS A 34 -1.29 -8.63 10.13
C LYS A 34 -1.03 -8.14 11.55
N ASP A 35 0.09 -8.59 12.13
CA ASP A 35 0.47 -8.20 13.48
C ASP A 35 0.35 -6.68 13.65
N LEU A 36 0.36 -5.96 12.54
CA LEU A 36 0.26 -4.50 12.57
C LEU A 36 -1.18 -4.06 12.31
N VAL A 37 -1.73 -4.48 11.17
CA VAL A 37 -3.10 -4.12 10.82
C VAL A 37 -4.11 -4.92 11.62
N VAL A 38 -4.00 -6.24 11.56
CA VAL A 38 -4.90 -7.12 12.29
C VAL A 38 -4.90 -6.78 13.78
N SER A 39 -3.78 -6.28 14.28
CA SER A 39 -3.66 -5.92 15.68
C SER A 39 -4.30 -4.56 15.96
N GLN A 40 -4.99 -4.04 14.96
CA GLN A 40 -5.65 -2.74 15.09
C GLN A 40 -4.66 -1.66 15.48
N VAL A 41 -3.40 -1.85 15.11
CA VAL A 41 -2.35 -0.90 15.42
C VAL A 41 -2.26 0.19 14.35
N ILE A 42 -2.38 -0.22 13.09
CA ILE A 42 -2.31 0.71 11.97
C ILE A 42 -3.35 0.38 10.91
N SER A 43 -3.34 1.14 9.82
CA SER A 43 -4.29 0.91 8.73
C SER A 43 -3.57 0.42 7.48
N ALA A 44 -4.25 -0.42 6.71
CA ALA A 44 -3.68 -0.97 5.48
C ALA A 44 -2.89 0.09 4.73
N GLU A 45 -3.48 1.27 4.59
CA GLU A 45 -2.82 2.37 3.88
C GLU A 45 -1.50 2.73 4.54
N GLU A 46 -1.51 2.81 5.86
CA GLU A 46 -0.30 3.16 6.62
C GLU A 46 0.80 2.13 6.38
N PHE A 47 0.44 0.85 6.49
CA PHE A 47 1.40 -0.23 6.28
C PHE A 47 2.25 0.03 5.05
N TRP A 48 1.63 -0.06 3.88
CA TRP A 48 2.35 0.17 2.63
C TRP A 48 2.93 1.58 2.57
N ALA A 49 2.09 2.57 2.85
CA ALA A 49 2.52 3.96 2.84
C ALA A 49 3.97 4.09 3.34
N ASN A 50 4.26 3.40 4.43
CA ASN A 50 5.60 3.44 5.02
C ASN A 50 6.61 2.73 4.11
N ARG A 51 6.39 1.44 3.88
CA ARG A 51 7.28 0.65 3.04
C ARG A 51 7.45 1.29 1.67
N LEU A 52 6.34 1.42 0.95
CA LEU A 52 6.36 2.02 -0.38
C LEU A 52 7.29 3.23 -0.42
N ASN A 53 7.81 3.53 -1.60
CA ASN A 53 8.72 4.67 -1.77
C ASN A 53 8.14 5.68 -2.75
N VAL A 54 7.22 6.51 -2.25
CA VAL A 54 6.59 7.54 -3.07
C VAL A 54 7.60 8.58 -3.53
N ASN A 55 8.49 8.97 -2.62
CA ASN A 55 9.51 9.96 -2.94
C ASN A 55 10.10 9.72 -4.34
N SER A 56 10.36 8.47 -4.65
CA SER A 56 10.92 8.09 -5.94
C SER A 56 10.54 6.67 -6.32
N GLY A 57 10.16 6.47 -7.58
CA GLY A 57 9.78 5.16 -8.04
C GLY A 57 8.87 5.21 -9.26
N PRO A 58 7.55 5.19 -9.02
CA PRO A 58 6.56 5.23 -10.10
C PRO A 58 6.50 6.59 -10.79
N SER A 59 6.25 6.58 -12.09
CA SER A 59 6.18 7.80 -12.87
C SER A 59 4.80 8.44 -12.74
N SER A 60 4.77 9.78 -12.73
CA SER A 60 3.52 10.51 -12.62
C SER A 60 3.47 11.65 -13.63
N GLY A 61 2.31 11.79 -14.28
CA GLY A 61 2.16 12.85 -15.27
C GLY A 61 1.01 12.57 -16.23
N GLY A 1 11.46 14.20 -1.60
CA GLY A 1 10.70 15.09 -2.46
C GLY A 1 9.29 14.61 -2.68
N SER A 2 8.43 15.52 -3.15
CA SER A 2 7.04 15.18 -3.41
C SER A 2 6.43 16.15 -4.43
N SER A 3 5.29 15.75 -5.00
CA SER A 3 4.62 16.57 -6.00
C SER A 3 3.12 16.64 -5.71
N GLY A 4 2.52 17.79 -6.00
CA GLY A 4 1.10 17.96 -5.77
C GLY A 4 0.33 18.23 -7.05
N SER A 5 0.48 17.34 -8.04
CA SER A 5 -0.20 17.49 -9.31
C SER A 5 -1.55 16.79 -9.29
N SER A 6 -2.60 17.55 -8.98
CA SER A 6 -3.94 17.01 -8.92
C SER A 6 -4.36 16.43 -10.26
N GLY A 7 -5.27 15.45 -10.24
CA GLY A 7 -5.74 14.83 -11.46
C GLY A 7 -6.77 13.75 -11.21
N PHE A 8 -7.76 13.66 -12.09
CA PHE A 8 -8.81 12.67 -11.95
C PHE A 8 -8.24 11.27 -11.81
N LYS A 9 -8.92 10.43 -11.05
CA LYS A 9 -8.47 9.06 -10.83
C LYS A 9 -9.10 8.11 -11.85
N ARG A 10 -8.62 6.86 -11.87
CA ARG A 10 -9.14 5.87 -12.79
C ARG A 10 -10.09 4.91 -12.08
N LYS A 11 -10.97 4.28 -12.85
CA LYS A 11 -11.94 3.34 -12.29
C LYS A 11 -11.39 1.91 -12.30
N ALA A 12 -10.64 1.57 -11.26
CA ALA A 12 -10.06 0.23 -11.16
C ALA A 12 -9.37 0.04 -9.82
N ASN A 13 -8.98 -1.20 -9.53
CA ASN A 13 -8.31 -1.51 -8.27
C ASN A 13 -6.93 -2.11 -8.52
N LYS A 14 -5.96 -1.24 -8.80
CA LYS A 14 -4.59 -1.67 -9.05
C LYS A 14 -3.81 -1.83 -7.75
N GLU A 15 -3.95 -0.85 -6.86
CA GLU A 15 -3.26 -0.89 -5.57
C GLU A 15 -3.34 -2.28 -4.96
N LEU A 16 -4.53 -2.89 -5.02
CA LEU A 16 -4.74 -4.21 -4.47
C LEU A 16 -3.97 -5.27 -5.26
N GLU A 17 -3.83 -5.03 -6.57
CA GLU A 17 -3.11 -5.96 -7.42
C GLU A 17 -1.61 -5.92 -7.16
N GLU A 18 -1.06 -4.71 -7.12
CA GLU A 18 0.37 -4.53 -6.87
C GLU A 18 0.77 -5.16 -5.53
N LYS A 19 -0.02 -4.87 -4.50
CA LYS A 19 0.25 -5.41 -3.17
C LYS A 19 -0.01 -6.91 -3.12
N ASN A 20 -1.15 -7.32 -3.69
CA ASN A 20 -1.52 -8.73 -3.71
C ASN A 20 -0.38 -9.59 -4.27
N ARG A 21 0.33 -9.05 -5.26
CA ARG A 21 1.43 -9.77 -5.87
C ARG A 21 2.65 -9.78 -4.96
N MET A 22 2.71 -8.81 -4.05
CA MET A 22 3.83 -8.70 -3.12
C MET A 22 3.62 -9.64 -1.93
N LEU A 23 2.42 -9.64 -1.38
CA LEU A 23 2.11 -10.50 -0.24
C LEU A 23 2.15 -11.96 -0.63
N GLN A 24 1.68 -12.26 -1.84
CA GLN A 24 1.66 -13.63 -2.34
C GLN A 24 3.08 -14.19 -2.46
N GLU A 25 4.00 -13.34 -2.91
CA GLU A 25 5.39 -13.74 -3.07
C GLU A 25 6.15 -13.64 -1.74
N ASP A 26 5.79 -12.66 -0.94
CA ASP A 26 6.42 -12.46 0.36
C ASP A 26 5.49 -12.87 1.49
N PRO A 27 5.49 -14.17 1.82
CA PRO A 27 4.64 -14.71 2.88
C PRO A 27 5.10 -14.28 4.26
N VAL A 28 6.34 -13.83 4.36
CA VAL A 28 6.91 -13.37 5.62
C VAL A 28 6.34 -12.01 6.02
N LEU A 29 6.32 -11.08 5.08
CA LEU A 29 5.81 -9.74 5.33
C LEU A 29 4.37 -9.80 5.83
N PHE A 30 3.53 -10.54 5.12
CA PHE A 30 2.13 -10.69 5.50
C PHE A 30 1.97 -10.67 7.02
N GLN A 31 2.71 -11.53 7.69
CA GLN A 31 2.65 -11.62 9.15
C GLN A 31 2.65 -10.24 9.78
N LEU A 32 3.54 -9.37 9.29
CA LEU A 32 3.64 -8.01 9.81
C LEU A 32 2.34 -7.25 9.60
N TYR A 33 1.92 -7.13 8.35
CA TYR A 33 0.68 -6.43 8.02
C TYR A 33 -0.43 -6.78 9.00
N LYS A 34 -0.45 -8.05 9.43
CA LYS A 34 -1.45 -8.52 10.37
C LYS A 34 -1.13 -8.06 11.79
N ASP A 35 0.04 -8.49 12.28
CA ASP A 35 0.48 -8.13 13.63
C ASP A 35 0.28 -6.64 13.89
N LEU A 36 0.17 -5.86 12.81
CA LEU A 36 -0.02 -4.42 12.91
C LEU A 36 -1.46 -4.05 12.60
N VAL A 37 -1.90 -4.35 11.38
CA VAL A 37 -3.25 -4.04 10.96
C VAL A 37 -4.28 -4.81 11.78
N VAL A 38 -4.15 -6.13 11.81
CA VAL A 38 -5.05 -6.98 12.57
C VAL A 38 -5.03 -6.63 14.06
N SER A 39 -3.97 -5.95 14.48
CA SER A 39 -3.82 -5.56 15.87
C SER A 39 -4.52 -4.23 16.15
N GLN A 40 -5.15 -3.68 15.11
CA GLN A 40 -5.86 -2.42 15.23
C GLN A 40 -4.92 -1.30 15.66
N VAL A 41 -3.64 -1.46 15.36
CA VAL A 41 -2.63 -0.47 15.72
C VAL A 41 -2.51 0.61 14.65
N ILE A 42 -2.59 0.19 13.39
CA ILE A 42 -2.50 1.13 12.27
C ILE A 42 -3.47 0.75 11.16
N SER A 43 -3.54 1.59 10.13
CA SER A 43 -4.44 1.34 9.01
C SER A 43 -3.69 0.75 7.83
N ALA A 44 -4.38 -0.06 7.04
CA ALA A 44 -3.78 -0.70 5.87
C ALA A 44 -2.91 0.28 5.10
N GLU A 45 -3.33 1.55 5.07
CA GLU A 45 -2.59 2.58 4.35
C GLU A 45 -1.23 2.82 5.01
N GLU A 46 -1.22 2.83 6.34
CA GLU A 46 0.02 3.06 7.08
C GLU A 46 1.08 2.03 6.69
N PHE A 47 0.74 0.76 6.84
CA PHE A 47 1.66 -0.32 6.51
C PHE A 47 2.26 -0.12 5.12
N TRP A 48 1.40 -0.10 4.11
CA TRP A 48 1.84 0.09 2.73
C TRP A 48 2.52 1.43 2.55
N ALA A 49 2.20 2.37 3.43
CA ALA A 49 2.78 3.71 3.37
C ALA A 49 4.28 3.63 3.13
N ASN A 50 4.91 2.59 3.64
CA ASN A 50 6.35 2.41 3.49
C ASN A 50 6.65 1.43 2.36
N ARG A 51 6.12 0.21 2.48
CA ARG A 51 6.33 -0.82 1.47
C ARG A 51 6.03 -0.28 0.07
N LEU A 52 4.79 0.15 -0.14
CA LEU A 52 4.37 0.69 -1.43
C LEU A 52 4.77 2.15 -1.57
N ASN A 53 4.70 2.67 -2.79
CA ASN A 53 5.06 4.05 -3.06
C ASN A 53 6.57 4.25 -2.94
N VAL A 54 7.33 3.32 -3.50
CA VAL A 54 8.79 3.40 -3.46
C VAL A 54 9.35 3.89 -4.79
N ASN A 55 8.68 4.88 -5.38
CA ASN A 55 9.11 5.45 -6.65
C ASN A 55 9.58 4.36 -7.59
N SER A 56 8.87 3.23 -7.60
CA SER A 56 9.22 2.11 -8.46
C SER A 56 7.99 1.26 -8.77
N GLY A 57 7.95 0.70 -9.98
CA GLY A 57 6.83 -0.12 -10.38
C GLY A 57 6.08 0.45 -11.56
N PRO A 58 6.59 0.18 -12.78
CA PRO A 58 5.97 0.66 -14.02
C PRO A 58 4.63 -0.01 -14.32
N SER A 59 4.59 -1.32 -14.11
CA SER A 59 3.38 -2.09 -14.36
C SER A 59 2.93 -1.95 -15.81
N SER A 60 3.88 -2.11 -16.72
CA SER A 60 3.60 -2.00 -18.15
C SER A 60 3.65 -3.37 -18.82
N GLY A 61 3.23 -3.42 -20.08
CA GLY A 61 3.23 -4.66 -20.82
C GLY A 61 1.85 -5.10 -21.24
N GLY A 1 0.47 -3.03 -29.28
CA GLY A 1 0.80 -3.87 -30.41
C GLY A 1 0.93 -3.09 -31.70
N SER A 2 -0.11 -2.32 -32.02
CA SER A 2 -0.11 -1.51 -33.25
C SER A 2 0.88 -0.36 -33.14
N SER A 3 0.88 0.32 -32.00
CA SER A 3 1.77 1.44 -31.77
C SER A 3 1.98 1.68 -30.28
N GLY A 4 3.07 2.36 -29.94
CA GLY A 4 3.37 2.64 -28.56
C GLY A 4 2.80 3.97 -28.09
N SER A 5 1.77 3.90 -27.26
CA SER A 5 1.12 5.10 -26.76
C SER A 5 0.43 4.82 -25.42
N SER A 6 -0.01 5.88 -24.75
CA SER A 6 -0.68 5.75 -23.47
C SER A 6 -2.19 5.97 -23.62
N GLY A 7 -2.97 5.28 -22.78
CA GLY A 7 -4.41 5.42 -22.83
C GLY A 7 -5.11 4.52 -21.83
N PHE A 8 -5.44 5.08 -20.67
CA PHE A 8 -6.11 4.33 -19.62
C PHE A 8 -7.32 5.10 -19.09
N LYS A 9 -8.44 5.00 -19.80
CA LYS A 9 -9.66 5.68 -19.41
C LYS A 9 -10.45 4.85 -18.40
N ARG A 10 -9.74 4.26 -17.44
CA ARG A 10 -10.37 3.43 -16.42
C ARG A 10 -9.82 3.77 -15.04
N LYS A 11 -10.72 4.07 -14.11
CA LYS A 11 -10.34 4.41 -12.74
C LYS A 11 -10.43 3.19 -11.83
N ALA A 12 -9.96 2.05 -12.32
CA ALA A 12 -9.98 0.82 -11.55
C ALA A 12 -9.00 0.88 -10.39
N ASN A 13 -8.96 -0.19 -9.60
CA ASN A 13 -8.05 -0.26 -8.46
C ASN A 13 -6.94 -1.28 -8.70
N LYS A 14 -5.83 -0.81 -9.26
CA LYS A 14 -4.70 -1.68 -9.55
C LYS A 14 -3.74 -1.74 -8.36
N GLU A 15 -3.48 -0.57 -7.76
CA GLU A 15 -2.58 -0.50 -6.61
C GLU A 15 -2.76 -1.71 -5.70
N LEU A 16 -4.02 -2.07 -5.44
CA LEU A 16 -4.33 -3.21 -4.58
C LEU A 16 -3.77 -4.50 -5.17
N GLU A 17 -4.05 -4.73 -6.45
CA GLU A 17 -3.58 -5.93 -7.14
C GLU A 17 -2.11 -6.19 -6.82
N GLU A 18 -1.28 -5.18 -7.04
CA GLU A 18 0.15 -5.30 -6.78
C GLU A 18 0.41 -5.79 -5.36
N LYS A 19 -0.11 -5.04 -4.38
CA LYS A 19 0.05 -5.40 -2.97
C LYS A 19 -0.20 -6.89 -2.76
N ASN A 20 -1.31 -7.37 -3.28
CA ASN A 20 -1.67 -8.78 -3.14
C ASN A 20 -0.58 -9.67 -3.72
N ARG A 21 -0.31 -9.50 -5.02
CA ARG A 21 0.71 -10.29 -5.69
C ARG A 21 1.97 -10.40 -4.85
N MET A 22 2.46 -9.26 -4.37
CA MET A 22 3.66 -9.22 -3.54
C MET A 22 3.52 -10.15 -2.34
N LEU A 23 2.52 -9.90 -1.52
CA LEU A 23 2.28 -10.71 -0.33
C LEU A 23 2.40 -12.20 -0.65
N GLN A 24 1.74 -12.62 -1.73
CA GLN A 24 1.77 -14.01 -2.15
C GLN A 24 3.20 -14.53 -2.19
N GLU A 25 4.06 -13.85 -2.96
CA GLU A 25 5.46 -14.24 -3.09
C GLU A 25 6.18 -14.12 -1.74
N ASP A 26 5.91 -13.03 -1.04
CA ASP A 26 6.54 -12.79 0.26
C ASP A 26 5.54 -13.00 1.39
N PRO A 27 5.39 -14.25 1.83
CA PRO A 27 4.46 -14.61 2.91
C PRO A 27 4.94 -14.09 4.27
N VAL A 28 6.25 -13.96 4.43
CA VAL A 28 6.82 -13.47 5.67
C VAL A 28 6.40 -12.03 5.94
N LEU A 29 6.34 -11.23 4.88
CA LEU A 29 5.96 -9.82 5.00
C LEU A 29 4.50 -9.70 5.44
N PHE A 30 3.68 -10.66 5.03
CA PHE A 30 2.26 -10.65 5.39
C PHE A 30 2.07 -10.57 6.90
N GLN A 31 2.89 -11.35 7.63
CA GLN A 31 2.80 -11.36 9.08
C GLN A 31 2.77 -9.95 9.64
N LEU A 32 3.76 -9.15 9.28
CA LEU A 32 3.85 -7.76 9.75
C LEU A 32 2.53 -7.04 9.53
N TYR A 33 2.07 -7.03 8.28
CA TYR A 33 0.81 -6.38 7.93
C TYR A 33 -0.30 -6.77 8.89
N LYS A 34 -0.30 -8.04 9.29
CA LYS A 34 -1.31 -8.55 10.21
C LYS A 34 -1.03 -8.09 11.63
N ASP A 35 0.08 -8.56 12.20
CA ASP A 35 0.46 -8.21 13.55
C ASP A 35 0.32 -6.71 13.78
N LEU A 36 0.32 -5.95 12.69
CA LEU A 36 0.19 -4.49 12.76
C LEU A 36 -1.25 -4.06 12.55
N VAL A 37 -1.80 -4.41 11.40
CA VAL A 37 -3.18 -4.07 11.06
C VAL A 37 -4.16 -4.92 11.86
N VAL A 38 -4.02 -6.23 11.76
CA VAL A 38 -4.89 -7.15 12.47
C VAL A 38 -4.87 -6.89 13.97
N SER A 39 -3.75 -6.37 14.46
CA SER A 39 -3.60 -6.08 15.88
C SER A 39 -4.29 -4.76 16.23
N GLN A 40 -4.94 -4.15 15.24
CA GLN A 40 -5.64 -2.89 15.45
C GLN A 40 -4.67 -1.80 15.89
N VAL A 41 -3.45 -1.85 15.35
CA VAL A 41 -2.43 -0.86 15.69
C VAL A 41 -2.39 0.26 14.64
N ILE A 42 -2.46 -0.13 13.37
CA ILE A 42 -2.43 0.84 12.29
C ILE A 42 -3.42 0.47 11.19
N SER A 43 -3.53 1.32 10.18
CA SER A 43 -4.45 1.07 9.06
C SER A 43 -3.70 0.57 7.84
N ALA A 44 -4.34 -0.31 7.08
CA ALA A 44 -3.74 -0.86 5.87
C ALA A 44 -2.87 0.17 5.16
N GLU A 45 -3.47 1.32 4.84
CA GLU A 45 -2.74 2.39 4.16
C GLU A 45 -1.43 2.68 4.86
N GLU A 46 -1.47 2.80 6.19
CA GLU A 46 -0.28 3.08 6.98
C GLU A 46 0.81 2.06 6.69
N PHE A 47 0.46 0.78 6.78
CA PHE A 47 1.42 -0.29 6.53
C PHE A 47 2.07 -0.13 5.17
N TRP A 48 1.26 -0.10 4.12
CA TRP A 48 1.76 0.06 2.76
C TRP A 48 2.39 1.43 2.57
N ALA A 49 2.20 2.31 3.54
CA ALA A 49 2.76 3.66 3.48
C ALA A 49 4.28 3.63 3.54
N ASN A 50 4.81 2.91 4.52
CA ASN A 50 6.25 2.80 4.69
C ASN A 50 6.83 1.72 3.78
N ARG A 51 6.07 1.35 2.75
CA ARG A 51 6.51 0.33 1.80
C ARG A 51 6.78 0.94 0.43
N LEU A 52 5.72 1.38 -0.23
CA LEU A 52 5.85 1.99 -1.55
C LEU A 52 6.26 3.45 -1.44
N ASN A 53 7.56 3.70 -1.60
CA ASN A 53 8.09 5.06 -1.52
C ASN A 53 8.65 5.50 -2.87
N VAL A 54 7.92 5.19 -3.93
CA VAL A 54 8.35 5.56 -5.28
C VAL A 54 8.27 7.07 -5.49
N ASN A 55 7.34 7.71 -4.77
CA ASN A 55 7.17 9.15 -4.88
C ASN A 55 6.58 9.72 -3.59
N SER A 56 7.06 10.90 -3.20
CA SER A 56 6.59 11.55 -1.99
C SER A 56 6.13 12.98 -2.28
N GLY A 57 5.37 13.14 -3.35
CA GLY A 57 4.88 14.46 -3.72
C GLY A 57 3.39 14.46 -4.00
N PRO A 58 3.02 14.34 -5.28
CA PRO A 58 1.62 14.33 -5.70
C PRO A 58 0.89 13.06 -5.26
N SER A 59 -0.21 13.25 -4.53
CA SER A 59 -0.99 12.12 -4.03
C SER A 59 -1.82 11.51 -5.16
N SER A 60 -2.19 10.23 -4.99
CA SER A 60 -2.97 9.53 -5.99
C SER A 60 -4.40 9.30 -5.50
N GLY A 61 -5.26 8.82 -6.39
CA GLY A 61 -6.64 8.56 -6.04
C GLY A 61 -7.60 9.49 -6.74
N GLY A 1 -4.97 19.34 0.42
CA GLY A 1 -3.57 18.95 0.39
C GLY A 1 -2.94 19.18 -0.96
N SER A 2 -1.63 18.96 -1.04
CA SER A 2 -0.90 19.16 -2.29
C SER A 2 -0.55 17.82 -2.93
N SER A 3 -0.44 17.82 -4.25
CA SER A 3 -0.13 16.60 -5.00
C SER A 3 -1.16 15.52 -4.73
N GLY A 4 -2.43 15.91 -4.70
CA GLY A 4 -3.49 14.96 -4.45
C GLY A 4 -4.10 14.42 -5.73
N SER A 5 -5.08 15.13 -6.27
CA SER A 5 -5.74 14.70 -7.50
C SER A 5 -5.34 15.59 -8.67
N SER A 6 -4.23 15.25 -9.31
CA SER A 6 -3.73 16.03 -10.45
C SER A 6 -4.00 15.30 -11.76
N GLY A 7 -5.20 15.50 -12.31
CA GLY A 7 -5.56 14.85 -13.55
C GLY A 7 -6.91 14.15 -13.48
N PHE A 8 -7.16 13.26 -14.43
CA PHE A 8 -8.42 12.53 -14.47
C PHE A 8 -8.68 11.82 -13.15
N LYS A 9 -9.96 11.64 -12.82
CA LYS A 9 -10.35 10.98 -11.58
C LYS A 9 -11.17 9.73 -11.87
N ARG A 10 -10.49 8.61 -12.12
CA ARG A 10 -11.16 7.35 -12.40
C ARG A 10 -11.42 6.58 -11.12
N LYS A 11 -12.45 5.74 -11.14
CA LYS A 11 -12.81 4.92 -9.98
C LYS A 11 -12.35 3.48 -10.16
N ALA A 12 -11.12 3.19 -9.74
CA ALA A 12 -10.57 1.85 -9.85
C ALA A 12 -9.37 1.66 -8.93
N ASN A 13 -9.14 0.43 -8.51
CA ASN A 13 -8.01 0.13 -7.62
C ASN A 13 -7.07 -0.89 -8.27
N LYS A 14 -6.19 -0.40 -9.14
CA LYS A 14 -5.24 -1.26 -9.82
C LYS A 14 -4.12 -1.69 -8.87
N GLU A 15 -3.66 -0.76 -8.05
CA GLU A 15 -2.59 -1.05 -7.09
C GLU A 15 -2.90 -2.31 -6.30
N LEU A 16 -4.12 -2.36 -5.74
CA LEU A 16 -4.54 -3.51 -4.95
C LEU A 16 -4.08 -4.82 -5.59
N GLU A 17 -4.38 -4.99 -6.87
CA GLU A 17 -4.00 -6.20 -7.59
C GLU A 17 -2.50 -6.44 -7.46
N GLU A 18 -1.72 -5.37 -7.48
CA GLU A 18 -0.27 -5.46 -7.38
C GLU A 18 0.15 -5.78 -5.94
N LYS A 19 -0.18 -4.88 -5.03
CA LYS A 19 0.16 -5.06 -3.62
C LYS A 19 -0.13 -6.49 -3.17
N ASN A 20 -1.21 -7.06 -3.69
CA ASN A 20 -1.60 -8.43 -3.35
C ASN A 20 -0.51 -9.42 -3.75
N ARG A 21 0.00 -9.28 -4.97
CA ARG A 21 1.04 -10.16 -5.47
C ARG A 21 2.21 -10.22 -4.51
N MET A 22 2.77 -9.06 -4.19
CA MET A 22 3.91 -8.98 -3.27
C MET A 22 3.68 -9.87 -2.05
N LEU A 23 2.54 -9.68 -1.40
CA LEU A 23 2.20 -10.46 -0.21
C LEU A 23 2.32 -11.95 -0.49
N GLN A 24 1.79 -12.38 -1.63
CA GLN A 24 1.83 -13.79 -2.02
C GLN A 24 3.27 -14.28 -2.07
N GLU A 25 4.11 -13.55 -2.81
CA GLU A 25 5.52 -13.93 -2.95
C GLU A 25 6.24 -13.84 -1.61
N ASP A 26 5.86 -12.87 -0.80
CA ASP A 26 6.46 -12.67 0.52
C ASP A 26 5.49 -13.05 1.63
N PRO A 27 5.43 -14.34 1.96
CA PRO A 27 4.54 -14.86 3.01
C PRO A 27 4.97 -14.42 4.40
N VAL A 28 6.23 -13.99 4.51
CA VAL A 28 6.77 -13.54 5.80
C VAL A 28 6.36 -12.11 6.09
N LEU A 29 6.43 -11.25 5.07
CA LEU A 29 6.06 -9.84 5.23
C LEU A 29 4.61 -9.71 5.68
N PHE A 30 3.75 -10.58 5.16
CA PHE A 30 2.34 -10.55 5.50
C PHE A 30 2.14 -10.53 7.02
N GLN A 31 2.81 -11.45 7.70
CA GLN A 31 2.71 -11.53 9.16
C GLN A 31 2.67 -10.14 9.78
N LEU A 32 3.72 -9.36 9.54
CA LEU A 32 3.81 -8.01 10.08
C LEU A 32 2.52 -7.23 9.80
N TYR A 33 2.11 -7.21 8.55
CA TYR A 33 0.89 -6.50 8.14
C TYR A 33 -0.27 -6.87 9.06
N LYS A 34 -0.33 -8.14 9.45
CA LYS A 34 -1.40 -8.62 10.31
C LYS A 34 -1.14 -8.24 11.76
N ASP A 35 -0.03 -8.70 12.30
CA ASP A 35 0.35 -8.41 13.68
C ASP A 35 0.18 -6.91 13.98
N LEU A 36 0.18 -6.10 12.91
CA LEU A 36 0.03 -4.66 13.06
C LEU A 36 -1.39 -4.23 12.74
N VAL A 37 -1.83 -4.49 11.52
CA VAL A 37 -3.18 -4.13 11.09
C VAL A 37 -4.22 -4.96 11.83
N VAL A 38 -4.14 -6.27 11.69
CA VAL A 38 -5.08 -7.17 12.35
C VAL A 38 -5.13 -6.92 13.84
N SER A 39 -4.01 -6.46 14.40
CA SER A 39 -3.93 -6.18 15.83
C SER A 39 -4.55 -4.82 16.16
N GLN A 40 -5.26 -4.25 15.18
CA GLN A 40 -5.90 -2.96 15.36
C GLN A 40 -4.90 -1.92 15.86
N VAL A 41 -3.69 -1.95 15.29
CA VAL A 41 -2.65 -1.01 15.67
C VAL A 41 -2.47 0.08 14.61
N ILE A 42 -2.63 -0.32 13.35
CA ILE A 42 -2.48 0.63 12.25
C ILE A 42 -3.38 0.24 11.07
N SER A 43 -3.67 1.20 10.21
CA SER A 43 -4.52 0.97 9.05
C SER A 43 -3.69 0.51 7.84
N ALA A 44 -4.28 -0.35 7.02
CA ALA A 44 -3.60 -0.85 5.84
C ALA A 44 -2.75 0.24 5.18
N GLU A 45 -3.31 1.45 5.11
CA GLU A 45 -2.61 2.58 4.50
C GLU A 45 -1.27 2.82 5.19
N GLU A 46 -1.27 2.76 6.52
CA GLU A 46 -0.06 2.98 7.29
C GLU A 46 1.03 1.99 6.88
N PHE A 47 0.68 0.72 6.84
CA PHE A 47 1.63 -0.33 6.47
C PHE A 47 2.26 -0.03 5.11
N TRP A 48 1.46 -0.08 4.06
CA TRP A 48 1.93 0.19 2.72
C TRP A 48 2.63 1.54 2.65
N ALA A 49 2.28 2.43 3.57
CA ALA A 49 2.88 3.77 3.61
C ALA A 49 4.39 3.69 3.46
N ASN A 50 5.05 3.09 4.44
CA ASN A 50 6.50 2.95 4.42
C ASN A 50 6.92 1.72 3.62
N ARG A 51 6.14 1.39 2.60
CA ARG A 51 6.43 0.24 1.75
C ARG A 51 6.51 0.64 0.29
N LEU A 52 5.37 1.04 -0.27
CA LEU A 52 5.31 1.46 -1.66
C LEU A 52 6.20 2.68 -1.92
N ASN A 53 6.04 3.70 -1.09
CA ASN A 53 6.84 4.92 -1.23
C ASN A 53 6.41 5.72 -2.45
N VAL A 54 5.11 5.78 -2.68
CA VAL A 54 4.57 6.52 -3.82
C VAL A 54 5.26 6.10 -5.12
N ASN A 55 5.34 4.80 -5.34
CA ASN A 55 5.98 4.28 -6.54
C ASN A 55 4.93 3.83 -7.56
N SER A 56 4.38 4.79 -8.30
CA SER A 56 3.37 4.50 -9.30
C SER A 56 4.00 4.34 -10.68
N GLY A 57 3.29 3.64 -11.56
CA GLY A 57 3.80 3.42 -12.90
C GLY A 57 3.34 4.49 -13.89
N PRO A 58 3.82 4.40 -15.13
CA PRO A 58 3.46 5.35 -16.19
C PRO A 58 2.01 5.22 -16.63
N SER A 59 1.12 5.92 -15.94
CA SER A 59 -0.30 5.88 -16.26
C SER A 59 -0.72 7.11 -17.06
N SER A 60 -0.46 7.08 -18.36
CA SER A 60 -0.81 8.20 -19.23
C SER A 60 0.02 9.44 -18.88
N GLY A 61 1.30 9.23 -18.62
CA GLY A 61 2.18 10.33 -18.27
C GLY A 61 2.44 10.42 -16.78
N GLY A 1 -0.02 12.11 6.93
CA GLY A 1 -0.99 12.71 7.82
C GLY A 1 -2.18 13.29 7.08
N SER A 2 -2.72 14.39 7.61
CA SER A 2 -3.86 15.05 6.99
C SER A 2 -3.48 15.67 5.65
N SER A 3 -3.53 14.85 4.59
CA SER A 3 -3.18 15.32 3.26
C SER A 3 -3.82 14.43 2.20
N GLY A 4 -4.02 14.99 1.01
CA GLY A 4 -4.62 14.24 -0.08
C GLY A 4 -4.98 15.11 -1.27
N SER A 5 -4.72 14.61 -2.47
CA SER A 5 -5.01 15.35 -3.69
C SER A 5 -6.23 14.78 -4.40
N SER A 6 -7.02 15.67 -5.00
CA SER A 6 -8.22 15.26 -5.71
C SER A 6 -8.18 15.70 -7.17
N GLY A 7 -7.01 15.54 -7.79
CA GLY A 7 -6.86 15.93 -9.18
C GLY A 7 -7.67 15.07 -10.12
N PHE A 8 -7.44 13.76 -10.08
CA PHE A 8 -8.16 12.83 -10.94
C PHE A 8 -8.60 11.60 -10.15
N LYS A 9 -9.57 10.87 -10.71
CA LYS A 9 -10.09 9.67 -10.05
C LYS A 9 -9.29 8.44 -10.47
N ARG A 10 -9.46 7.35 -9.74
CA ARG A 10 -8.76 6.10 -10.04
C ARG A 10 -9.37 5.42 -11.27
N LYS A 11 -8.71 5.58 -12.41
CA LYS A 11 -9.18 4.98 -13.65
C LYS A 11 -9.29 3.46 -13.52
N ALA A 12 -8.17 2.82 -13.20
CA ALA A 12 -8.14 1.37 -13.03
C ALA A 12 -7.34 0.98 -11.80
N ASN A 13 -7.95 0.17 -10.94
CA ASN A 13 -7.29 -0.29 -9.72
C ASN A 13 -6.15 -1.25 -10.04
N LYS A 14 -4.94 -0.72 -10.12
CA LYS A 14 -3.77 -1.53 -10.41
C LYS A 14 -2.88 -1.69 -9.17
N GLU A 15 -2.53 -0.57 -8.55
CA GLU A 15 -1.69 -0.59 -7.36
C GLU A 15 -2.17 -1.66 -6.38
N LEU A 16 -3.49 -1.76 -6.22
CA LEU A 16 -4.06 -2.75 -5.31
C LEU A 16 -3.62 -4.16 -5.69
N GLU A 17 -3.80 -4.50 -6.97
CA GLU A 17 -3.43 -5.82 -7.46
C GLU A 17 -2.03 -6.20 -6.99
N GLU A 18 -1.04 -5.39 -7.37
CA GLU A 18 0.35 -5.65 -6.99
C GLU A 18 0.45 -5.97 -5.50
N LYS A 19 0.03 -5.02 -4.67
CA LYS A 19 0.07 -5.20 -3.22
C LYS A 19 -0.39 -6.61 -2.84
N ASN A 20 -1.52 -7.02 -3.39
CA ASN A 20 -2.07 -8.34 -3.10
C ASN A 20 -1.07 -9.44 -3.48
N ARG A 21 -0.59 -9.40 -4.71
CA ARG A 21 0.37 -10.39 -5.19
C ARG A 21 1.59 -10.44 -4.27
N MET A 22 2.26 -9.31 -4.12
CA MET A 22 3.45 -9.23 -3.28
C MET A 22 3.24 -9.99 -1.98
N LEU A 23 2.05 -9.84 -1.39
CA LEU A 23 1.74 -10.52 -0.14
C LEU A 23 1.75 -12.03 -0.32
N GLN A 24 1.00 -12.51 -1.31
CA GLN A 24 0.93 -13.95 -1.58
C GLN A 24 2.32 -14.52 -1.82
N GLU A 25 3.07 -13.88 -2.73
CA GLU A 25 4.41 -14.34 -3.06
C GLU A 25 5.32 -14.29 -1.84
N ASP A 26 5.20 -13.21 -1.06
CA ASP A 26 6.01 -13.04 0.14
C ASP A 26 5.16 -13.23 1.39
N PRO A 27 5.04 -14.49 1.85
CA PRO A 27 4.27 -14.83 3.04
C PRO A 27 4.92 -14.31 4.31
N VAL A 28 6.24 -14.22 4.31
CA VAL A 28 6.98 -13.76 5.47
C VAL A 28 6.65 -12.30 5.79
N LEU A 29 6.67 -11.46 4.76
CA LEU A 29 6.37 -10.04 4.93
C LEU A 29 4.97 -9.85 5.51
N PHE A 30 4.01 -10.62 5.01
CA PHE A 30 2.64 -10.53 5.48
C PHE A 30 2.60 -10.39 7.00
N GLN A 31 3.23 -11.32 7.70
CA GLN A 31 3.26 -11.30 9.15
C GLN A 31 3.29 -9.87 9.68
N LEU A 32 4.24 -9.08 9.17
CA LEU A 32 4.37 -7.69 9.58
C LEU A 32 3.05 -6.94 9.43
N TYR A 33 2.39 -7.14 8.31
CA TYR A 33 1.11 -6.48 8.04
C TYR A 33 0.06 -6.92 9.06
N LYS A 34 0.14 -8.18 9.49
CA LYS A 34 -0.80 -8.72 10.46
C LYS A 34 -0.48 -8.23 11.86
N ASP A 35 0.67 -8.66 12.39
CA ASP A 35 1.10 -8.26 13.72
C ASP A 35 0.77 -6.78 13.98
N LEU A 36 0.68 -6.00 12.91
CA LEU A 36 0.37 -4.58 13.02
C LEU A 36 -1.11 -4.33 12.77
N VAL A 37 -1.59 -4.72 11.60
CA VAL A 37 -2.99 -4.53 11.25
C VAL A 37 -3.88 -5.49 12.03
N VAL A 38 -3.57 -6.78 11.97
CA VAL A 38 -4.34 -7.79 12.68
C VAL A 38 -4.36 -7.52 14.18
N SER A 39 -3.43 -6.68 14.63
CA SER A 39 -3.34 -6.34 16.05
C SER A 39 -4.12 -5.06 16.36
N GLN A 40 -4.85 -4.58 15.35
CA GLN A 40 -5.64 -3.36 15.51
C GLN A 40 -4.77 -2.20 15.98
N VAL A 41 -3.55 -2.14 15.46
CA VAL A 41 -2.62 -1.07 15.82
C VAL A 41 -2.57 0.01 14.75
N ILE A 42 -2.71 -0.41 13.50
CA ILE A 42 -2.69 0.52 12.37
C ILE A 42 -3.63 0.08 11.27
N SER A 43 -3.87 0.96 10.31
CA SER A 43 -4.76 0.67 9.20
C SER A 43 -3.97 0.23 7.97
N ALA A 44 -4.57 -0.63 7.15
CA ALA A 44 -3.92 -1.14 5.95
C ALA A 44 -3.14 -0.03 5.25
N GLU A 45 -3.83 1.05 4.92
CA GLU A 45 -3.21 2.19 4.25
C GLU A 45 -1.89 2.56 4.92
N GLU A 46 -1.90 2.59 6.25
CA GLU A 46 -0.70 2.93 7.01
C GLU A 46 0.45 2.02 6.64
N PHE A 47 0.24 0.71 6.76
CA PHE A 47 1.26 -0.27 6.44
C PHE A 47 1.93 0.04 5.10
N TRP A 48 1.14 0.02 4.04
CA TRP A 48 1.64 0.30 2.70
C TRP A 48 2.23 1.71 2.63
N ALA A 49 1.61 2.64 3.35
CA ALA A 49 2.07 4.02 3.37
C ALA A 49 3.60 4.09 3.36
N ASN A 50 4.22 3.53 4.39
CA ASN A 50 5.67 3.53 4.51
C ASN A 50 6.24 2.13 4.26
N ARG A 51 5.96 1.58 3.08
CA ARG A 51 6.43 0.25 2.73
C ARG A 51 7.04 0.24 1.33
N LEU A 52 6.29 0.75 0.36
CA LEU A 52 6.75 0.80 -1.02
C LEU A 52 8.02 1.63 -1.13
N ASN A 53 8.73 1.48 -2.26
CA ASN A 53 9.97 2.22 -2.49
C ASN A 53 9.66 3.61 -3.03
N VAL A 54 8.75 4.32 -2.38
CA VAL A 54 8.37 5.66 -2.79
C VAL A 54 8.37 5.79 -4.31
N ASN A 55 7.94 4.72 -4.99
CA ASN A 55 7.89 4.72 -6.44
C ASN A 55 6.53 5.20 -6.94
N SER A 56 6.46 6.46 -7.34
CA SER A 56 5.22 7.04 -7.84
C SER A 56 5.23 7.13 -9.37
N GLY A 57 6.24 7.82 -9.90
CA GLY A 57 6.35 7.98 -11.34
C GLY A 57 5.44 9.06 -11.88
N PRO A 58 5.71 10.32 -11.49
CA PRO A 58 4.93 11.47 -11.93
C PRO A 58 5.13 11.78 -13.41
N SER A 59 6.02 11.04 -14.05
CA SER A 59 6.31 11.24 -15.46
C SER A 59 5.02 11.29 -16.28
N SER A 60 4.15 10.32 -16.07
CA SER A 60 2.88 10.25 -16.78
C SER A 60 3.11 9.99 -18.27
N GLY A 61 4.03 9.08 -18.57
CA GLY A 61 4.33 8.77 -19.95
C GLY A 61 5.55 7.87 -20.09
N GLY A 1 0.21 15.98 18.34
CA GLY A 1 -1.12 15.80 17.79
C GLY A 1 -1.10 15.37 16.34
N SER A 2 -2.14 14.68 15.90
CA SER A 2 -2.24 14.21 14.53
C SER A 2 -3.70 13.97 14.13
N SER A 3 -3.94 13.89 12.84
CA SER A 3 -5.29 13.67 12.32
C SER A 3 -5.32 12.47 11.38
N GLY A 4 -4.45 12.49 10.37
CA GLY A 4 -4.40 11.40 9.42
C GLY A 4 -5.72 11.21 8.68
N SER A 5 -5.66 10.53 7.54
CA SER A 5 -6.85 10.29 6.73
C SER A 5 -7.11 8.79 6.59
N SER A 6 -8.38 8.41 6.63
CA SER A 6 -8.77 7.01 6.52
C SER A 6 -10.04 6.86 5.70
N GLY A 7 -10.08 5.84 4.85
CA GLY A 7 -11.24 5.60 4.02
C GLY A 7 -10.88 5.12 2.63
N PHE A 8 -10.29 3.94 2.55
CA PHE A 8 -9.87 3.38 1.27
C PHE A 8 -10.43 1.96 1.10
N LYS A 9 -11.68 1.78 1.48
CA LYS A 9 -12.33 0.47 1.38
C LYS A 9 -12.92 0.28 -0.02
N ARG A 10 -13.63 1.29 -0.50
CA ARG A 10 -14.26 1.22 -1.82
C ARG A 10 -13.53 2.14 -2.80
N LYS A 11 -12.46 1.62 -3.41
CA LYS A 11 -11.68 2.38 -4.36
C LYS A 11 -10.79 1.46 -5.19
N ALA A 12 -10.84 1.63 -6.51
CA ALA A 12 -10.03 0.81 -7.41
C ALA A 12 -8.68 1.45 -7.67
N ASN A 13 -7.61 0.70 -7.44
CA ASN A 13 -6.25 1.19 -7.65
C ASN A 13 -5.33 0.08 -8.12
N LYS A 14 -4.58 0.35 -9.18
CA LYS A 14 -3.65 -0.63 -9.73
C LYS A 14 -2.56 -0.97 -8.73
N GLU A 15 -2.38 -0.10 -7.74
CA GLU A 15 -1.37 -0.31 -6.71
C GLU A 15 -1.80 -1.40 -5.74
N LEU A 16 -3.09 -1.46 -5.46
CA LEU A 16 -3.63 -2.45 -4.54
C LEU A 16 -3.31 -3.87 -5.02
N GLU A 17 -3.73 -4.18 -6.24
CA GLU A 17 -3.48 -5.50 -6.81
C GLU A 17 -2.05 -5.94 -6.57
N GLU A 18 -1.10 -5.06 -6.89
CA GLU A 18 0.32 -5.37 -6.71
C GLU A 18 0.58 -5.86 -5.28
N LYS A 19 0.07 -5.12 -4.31
CA LYS A 19 0.25 -5.48 -2.90
C LYS A 19 -0.22 -6.91 -2.64
N ASN A 20 -1.45 -7.21 -3.06
CA ASN A 20 -2.00 -8.55 -2.87
C ASN A 20 -1.14 -9.60 -3.56
N ARG A 21 -0.50 -9.21 -4.65
CA ARG A 21 0.35 -10.11 -5.42
C ARG A 21 1.71 -10.28 -4.74
N MET A 22 2.08 -9.31 -3.92
CA MET A 22 3.35 -9.34 -3.22
C MET A 22 3.24 -10.16 -1.94
N LEU A 23 2.05 -10.18 -1.34
CA LEU A 23 1.82 -10.92 -0.11
C LEU A 23 1.94 -12.43 -0.36
N GLN A 24 1.37 -12.88 -1.47
CA GLN A 24 1.41 -14.29 -1.82
C GLN A 24 2.85 -14.76 -2.03
N GLU A 25 3.60 -14.01 -2.84
CA GLU A 25 4.98 -14.35 -3.13
C GLU A 25 5.83 -14.29 -1.86
N ASP A 26 5.65 -13.23 -1.08
CA ASP A 26 6.39 -13.06 0.16
C ASP A 26 5.50 -13.28 1.37
N PRO A 27 5.34 -14.56 1.76
CA PRO A 27 4.51 -14.94 2.90
C PRO A 27 5.12 -14.50 4.23
N VAL A 28 6.33 -13.94 4.17
CA VAL A 28 7.02 -13.48 5.36
C VAL A 28 6.54 -12.09 5.79
N LEU A 29 6.30 -11.24 4.80
CA LEU A 29 5.83 -9.88 5.06
C LEU A 29 4.43 -9.89 5.65
N PHE A 30 3.59 -10.77 5.14
CA PHE A 30 2.21 -10.89 5.63
C PHE A 30 2.16 -10.84 7.15
N GLN A 31 3.04 -11.61 7.79
CA GLN A 31 3.10 -11.66 9.24
C GLN A 31 3.12 -10.26 9.83
N LEU A 32 3.96 -9.40 9.28
CA LEU A 32 4.07 -8.02 9.75
C LEU A 32 2.75 -7.29 9.60
N TYR A 33 2.28 -7.18 8.37
CA TYR A 33 1.01 -6.49 8.08
C TYR A 33 -0.04 -6.86 9.12
N LYS A 34 0.00 -8.11 9.58
CA LYS A 34 -0.96 -8.58 10.57
C LYS A 34 -0.59 -8.08 11.96
N ASP A 35 0.55 -8.53 12.46
CA ASP A 35 1.01 -8.13 13.78
C ASP A 35 0.80 -6.64 14.00
N LEU A 36 0.72 -5.89 12.91
CA LEU A 36 0.50 -4.45 12.99
C LEU A 36 -0.96 -4.09 12.75
N VAL A 37 -1.47 -4.47 11.58
CA VAL A 37 -2.85 -4.20 11.23
C VAL A 37 -3.81 -5.02 12.09
N VAL A 38 -3.60 -6.33 12.09
CA VAL A 38 -4.44 -7.24 12.87
C VAL A 38 -4.38 -6.90 14.36
N SER A 39 -3.24 -6.39 14.80
CA SER A 39 -3.06 -6.02 16.20
C SER A 39 -3.76 -4.70 16.52
N GLN A 40 -4.49 -4.18 15.54
CA GLN A 40 -5.21 -2.92 15.71
C GLN A 40 -4.25 -1.79 16.02
N VAL A 41 -3.07 -1.83 15.42
CA VAL A 41 -2.06 -0.80 15.64
C VAL A 41 -2.10 0.24 14.53
N ILE A 42 -2.21 -0.22 13.28
CA ILE A 42 -2.27 0.68 12.14
C ILE A 42 -3.29 0.19 11.11
N SER A 43 -3.49 0.99 10.06
CA SER A 43 -4.45 0.65 9.02
C SER A 43 -3.74 0.05 7.82
N ALA A 44 -4.47 -0.74 7.03
CA ALA A 44 -3.91 -1.37 5.84
C ALA A 44 -3.26 -0.35 4.92
N GLU A 45 -3.84 0.84 4.87
CA GLU A 45 -3.33 1.92 4.03
C GLU A 45 -2.01 2.45 4.57
N GLU A 46 -1.85 2.37 5.89
CA GLU A 46 -0.63 2.85 6.53
C GLU A 46 0.53 1.88 6.29
N PHE A 47 0.24 0.59 6.41
CA PHE A 47 1.26 -0.44 6.21
C PHE A 47 1.97 -0.24 4.87
N TRP A 48 1.19 -0.25 3.79
CA TRP A 48 1.74 -0.07 2.46
C TRP A 48 2.20 1.36 2.23
N ALA A 49 1.40 2.32 2.70
CA ALA A 49 1.72 3.73 2.56
C ALA A 49 3.22 3.96 2.69
N ASN A 50 3.84 3.31 3.66
CA ASN A 50 5.27 3.44 3.90
C ASN A 50 6.06 2.61 2.90
N ARG A 51 5.68 1.34 2.78
CA ARG A 51 6.36 0.43 1.86
C ARG A 51 6.39 1.00 0.45
N LEU A 52 5.21 1.21 -0.13
CA LEU A 52 5.10 1.75 -1.47
C LEU A 52 5.75 3.13 -1.57
N ASN A 53 6.53 3.34 -2.62
CA ASN A 53 7.21 4.61 -2.82
C ASN A 53 6.47 5.47 -3.85
N VAL A 54 5.48 6.23 -3.37
CA VAL A 54 4.70 7.09 -4.25
C VAL A 54 5.18 8.54 -4.17
N ASN A 55 5.73 9.04 -5.27
CA ASN A 55 6.23 10.41 -5.32
C ASN A 55 5.08 11.40 -5.51
N SER A 56 4.36 11.26 -6.61
CA SER A 56 3.24 12.15 -6.92
C SER A 56 2.51 11.68 -8.17
N GLY A 57 1.18 11.72 -8.12
CA GLY A 57 0.37 11.31 -9.25
C GLY A 57 -1.07 11.75 -9.13
N PRO A 58 -1.70 12.02 -10.28
CA PRO A 58 -3.10 12.46 -10.33
C PRO A 58 -4.08 11.34 -9.94
N SER A 59 -3.54 10.13 -9.76
CA SER A 59 -4.36 8.99 -9.40
C SER A 59 -5.43 9.38 -8.39
N SER A 60 -4.99 9.85 -7.23
CA SER A 60 -5.92 10.27 -6.17
C SER A 60 -6.44 11.68 -6.44
N GLY A 61 -7.75 11.77 -6.68
CA GLY A 61 -8.36 13.06 -6.95
C GLY A 61 -9.70 13.23 -6.24
N GLY A 1 1.26 15.04 4.08
CA GLY A 1 0.34 15.91 3.37
C GLY A 1 -1.09 15.44 3.48
N SER A 2 -2.01 16.39 3.66
CA SER A 2 -3.43 16.06 3.77
C SER A 2 -3.88 15.21 2.59
N SER A 3 -4.85 14.33 2.85
CA SER A 3 -5.38 13.46 1.80
C SER A 3 -6.87 13.70 1.60
N GLY A 4 -7.64 13.55 2.67
CA GLY A 4 -9.08 13.76 2.58
C GLY A 4 -9.71 12.95 1.47
N SER A 5 -10.18 13.65 0.43
CA SER A 5 -10.82 12.99 -0.70
C SER A 5 -10.01 11.78 -1.14
N SER A 6 -10.72 10.73 -1.58
CA SER A 6 -10.07 9.50 -2.03
C SER A 6 -11.02 8.69 -2.91
N GLY A 7 -10.51 8.28 -4.08
CA GLY A 7 -11.32 7.50 -4.99
C GLY A 7 -12.00 8.36 -6.05
N PHE A 8 -11.62 8.14 -7.30
CA PHE A 8 -12.19 8.91 -8.41
C PHE A 8 -13.47 8.25 -8.92
N LYS A 9 -14.56 8.44 -8.18
CA LYS A 9 -15.85 7.87 -8.55
C LYS A 9 -15.67 6.51 -9.21
N ARG A 10 -14.74 5.72 -8.68
CA ARG A 10 -14.47 4.39 -9.22
C ARG A 10 -13.97 3.45 -8.12
N LYS A 11 -14.30 2.17 -8.26
CA LYS A 11 -13.88 1.17 -7.28
C LYS A 11 -12.85 0.23 -7.88
N ALA A 12 -11.91 0.79 -8.63
CA ALA A 12 -10.86 -0.01 -9.26
C ALA A 12 -9.48 0.41 -8.76
N ASN A 13 -9.05 -0.19 -7.64
CA ASN A 13 -7.75 0.13 -7.06
C ASN A 13 -6.67 -0.79 -7.61
N LYS A 14 -5.92 -0.29 -8.60
CA LYS A 14 -4.85 -1.06 -9.21
C LYS A 14 -3.80 -1.45 -8.18
N GLU A 15 -3.34 -0.47 -7.41
CA GLU A 15 -2.33 -0.72 -6.39
C GLU A 15 -2.66 -1.97 -5.58
N LEU A 16 -3.87 -2.02 -5.04
CA LEU A 16 -4.31 -3.17 -4.25
C LEU A 16 -3.83 -4.47 -4.87
N GLU A 17 -4.20 -4.68 -6.13
CA GLU A 17 -3.82 -5.90 -6.85
C GLU A 17 -2.33 -6.15 -6.71
N GLU A 18 -1.52 -5.14 -7.04
CA GLU A 18 -0.07 -5.26 -6.95
C GLU A 18 0.36 -5.70 -5.56
N LYS A 19 0.17 -4.81 -4.59
CA LYS A 19 0.54 -5.11 -3.20
C LYS A 19 0.16 -6.55 -2.83
N ASN A 20 -1.06 -6.94 -3.20
CA ASN A 20 -1.54 -8.28 -2.90
C ASN A 20 -0.62 -9.33 -3.51
N ARG A 21 -0.41 -9.25 -4.82
CA ARG A 21 0.46 -10.19 -5.52
C ARG A 21 1.75 -10.43 -4.74
N MET A 22 2.35 -9.35 -4.27
CA MET A 22 3.58 -9.44 -3.50
C MET A 22 3.42 -10.34 -2.28
N LEU A 23 2.48 -9.99 -1.41
CA LEU A 23 2.22 -10.76 -0.21
C LEU A 23 2.40 -12.26 -0.47
N GLN A 24 1.82 -12.74 -1.56
CA GLN A 24 1.92 -14.15 -1.92
C GLN A 24 3.38 -14.58 -2.01
N GLU A 25 4.16 -13.85 -2.81
CA GLU A 25 5.57 -14.17 -2.98
C GLU A 25 6.34 -13.99 -1.66
N ASP A 26 5.92 -13.00 -0.88
CA ASP A 26 6.56 -12.73 0.40
C ASP A 26 5.65 -13.15 1.56
N PRO A 27 5.68 -14.46 1.87
CA PRO A 27 4.87 -15.02 2.95
C PRO A 27 5.36 -14.59 4.33
N VAL A 28 6.44 -13.82 4.35
CA VAL A 28 7.02 -13.33 5.61
C VAL A 28 6.53 -11.93 5.93
N LEU A 29 6.30 -11.14 4.89
CA LEU A 29 5.83 -9.76 5.06
C LEU A 29 4.39 -9.75 5.56
N PHE A 30 3.57 -10.63 5.00
CA PHE A 30 2.17 -10.72 5.39
C PHE A 30 2.01 -10.67 6.91
N GLN A 31 2.73 -11.56 7.59
CA GLN A 31 2.67 -11.63 9.04
C GLN A 31 2.74 -10.24 9.65
N LEU A 32 3.68 -9.43 9.18
CA LEU A 32 3.85 -8.06 9.67
C LEU A 32 2.59 -7.25 9.44
N TYR A 33 2.02 -7.35 8.25
CA TYR A 33 0.82 -6.62 7.89
C TYR A 33 -0.31 -6.92 8.89
N LYS A 34 -0.36 -8.17 9.35
CA LYS A 34 -1.38 -8.58 10.30
C LYS A 34 -1.06 -8.08 11.71
N ASP A 35 0.07 -8.51 12.25
CA ASP A 35 0.48 -8.11 13.58
C ASP A 35 0.28 -6.60 13.78
N LEU A 36 0.23 -5.87 12.67
CA LEU A 36 0.04 -4.42 12.72
C LEU A 36 -1.41 -4.05 12.42
N VAL A 37 -1.90 -4.48 11.25
CA VAL A 37 -3.27 -4.20 10.85
C VAL A 37 -4.26 -5.04 11.65
N VAL A 38 -4.07 -6.36 11.62
CA VAL A 38 -4.94 -7.28 12.35
C VAL A 38 -4.95 -6.96 13.84
N SER A 39 -3.90 -6.29 14.30
CA SER A 39 -3.80 -5.92 15.71
C SER A 39 -4.61 -4.68 16.02
N GLN A 40 -5.11 -4.03 14.98
CA GLN A 40 -5.91 -2.82 15.14
C GLN A 40 -5.06 -1.66 15.62
N VAL A 41 -3.79 -1.67 15.22
CA VAL A 41 -2.86 -0.61 15.61
C VAL A 41 -2.71 0.44 14.50
N ILE A 42 -2.69 -0.03 13.26
CA ILE A 42 -2.56 0.86 12.11
C ILE A 42 -3.59 0.53 11.04
N SER A 43 -3.55 1.27 9.93
CA SER A 43 -4.48 1.06 8.83
C SER A 43 -3.77 0.47 7.62
N ALA A 44 -4.50 -0.34 6.85
CA ALA A 44 -3.94 -0.97 5.67
C ALA A 44 -2.99 -0.02 4.94
N GLU A 45 -3.46 1.21 4.70
CA GLU A 45 -2.65 2.20 4.01
C GLU A 45 -1.36 2.48 4.78
N GLU A 46 -1.49 2.98 5.99
CA GLU A 46 -0.33 3.29 6.82
C GLU A 46 0.75 2.22 6.68
N PHE A 47 0.31 0.98 6.47
CA PHE A 47 1.25 -0.13 6.31
C PHE A 47 2.06 0.03 5.03
N TRP A 48 1.42 -0.17 3.89
CA TRP A 48 2.09 -0.05 2.60
C TRP A 48 2.78 1.31 2.46
N ALA A 49 2.07 2.36 2.82
CA ALA A 49 2.62 3.71 2.75
C ALA A 49 4.11 3.72 3.07
N ASN A 50 4.51 2.95 4.09
CA ASN A 50 5.90 2.87 4.49
C ASN A 50 6.73 2.15 3.43
N ARG A 51 6.30 0.94 3.07
CA ARG A 51 7.01 0.15 2.07
C ARG A 51 6.99 0.85 0.71
N LEU A 52 5.79 1.07 0.18
CA LEU A 52 5.64 1.73 -1.12
C LEU A 52 5.99 3.22 -1.01
N ASN A 53 6.28 3.82 -2.16
CA ASN A 53 6.63 5.24 -2.20
C ASN A 53 5.39 6.10 -2.31
N VAL A 54 5.57 7.42 -2.22
CA VAL A 54 4.45 8.35 -2.31
C VAL A 54 4.39 8.98 -3.71
N ASN A 55 5.56 9.18 -4.31
CA ASN A 55 5.63 9.77 -5.65
C ASN A 55 5.01 8.85 -6.69
N SER A 56 5.44 7.58 -6.68
CA SER A 56 4.92 6.60 -7.63
C SER A 56 3.43 6.36 -7.42
N GLY A 57 2.72 6.06 -8.50
CA GLY A 57 1.30 5.81 -8.41
C GLY A 57 0.51 6.53 -9.49
N PRO A 58 0.44 5.91 -10.68
CA PRO A 58 -0.27 6.48 -11.82
C PRO A 58 -1.79 6.47 -11.62
N SER A 59 -2.41 7.63 -11.83
CA SER A 59 -3.85 7.75 -11.68
C SER A 59 -4.49 8.41 -12.90
N SER A 60 -5.69 7.96 -13.25
CA SER A 60 -6.39 8.51 -14.40
C SER A 60 -6.69 9.99 -14.22
N GLY A 61 -6.63 10.75 -15.31
CA GLY A 61 -6.88 12.17 -15.25
C GLY A 61 -6.66 12.86 -16.58
N GLY A 1 5.52 19.19 -7.61
CA GLY A 1 4.70 20.37 -7.76
C GLY A 1 3.50 20.37 -6.81
N SER A 2 2.34 20.73 -7.35
CA SER A 2 1.12 20.77 -6.55
C SER A 2 0.80 19.40 -5.97
N SER A 3 -0.23 19.34 -5.13
CA SER A 3 -0.63 18.09 -4.49
C SER A 3 -2.05 18.19 -3.96
N GLY A 4 -2.52 17.11 -3.34
CA GLY A 4 -3.86 17.09 -2.79
C GLY A 4 -3.98 16.18 -1.59
N SER A 5 -3.96 16.76 -0.40
CA SER A 5 -4.07 15.98 0.84
C SER A 5 -5.48 15.44 1.03
N SER A 6 -5.77 14.31 0.39
CA SER A 6 -7.10 13.70 0.48
C SER A 6 -7.02 12.37 1.23
N GLY A 7 -6.10 11.50 0.81
CA GLY A 7 -5.95 10.21 1.46
C GLY A 7 -7.18 9.34 1.31
N PHE A 8 -7.74 9.30 0.10
CA PHE A 8 -8.93 8.50 -0.17
C PHE A 8 -8.90 7.96 -1.59
N LYS A 9 -8.89 6.63 -1.71
CA LYS A 9 -8.87 5.99 -3.02
C LYS A 9 -10.26 5.48 -3.39
N ARG A 10 -10.66 5.72 -4.64
CA ARG A 10 -11.96 5.28 -5.12
C ARG A 10 -11.83 4.53 -6.44
N LYS A 11 -11.15 5.15 -7.40
CA LYS A 11 -10.94 4.53 -8.71
C LYS A 11 -9.50 4.08 -8.88
N ALA A 12 -9.19 3.60 -10.07
CA ALA A 12 -7.83 3.13 -10.38
C ALA A 12 -7.34 2.14 -9.32
N ASN A 13 -8.17 1.14 -9.04
CA ASN A 13 -7.82 0.12 -8.05
C ASN A 13 -6.79 -0.86 -8.61
N LYS A 14 -5.66 -0.34 -9.05
CA LYS A 14 -4.60 -1.16 -9.61
C LYS A 14 -3.54 -1.48 -8.56
N GLU A 15 -3.22 -0.50 -7.73
CA GLU A 15 -2.23 -0.66 -6.67
C GLU A 15 -2.55 -1.90 -5.83
N LEU A 16 -3.83 -2.12 -5.59
CA LEU A 16 -4.28 -3.27 -4.79
C LEU A 16 -3.87 -4.58 -5.45
N GLU A 17 -3.93 -4.62 -6.78
CA GLU A 17 -3.57 -5.81 -7.53
C GLU A 17 -2.09 -6.17 -7.31
N GLU A 18 -1.29 -5.14 -7.07
CA GLU A 18 0.15 -5.34 -6.85
C GLU A 18 0.41 -5.88 -5.44
N LYS A 19 -0.06 -5.14 -4.43
CA LYS A 19 0.13 -5.53 -3.04
C LYS A 19 -0.29 -6.99 -2.83
N ASN A 20 -1.45 -7.35 -3.36
CA ASN A 20 -1.96 -8.72 -3.24
C ASN A 20 -0.94 -9.73 -3.75
N ARG A 21 -0.54 -9.58 -5.01
CA ARG A 21 0.43 -10.47 -5.62
C ARG A 21 1.71 -10.53 -4.80
N MET A 22 2.18 -9.36 -4.35
CA MET A 22 3.39 -9.28 -3.55
C MET A 22 3.28 -10.13 -2.29
N LEU A 23 2.17 -9.96 -1.57
CA LEU A 23 1.95 -10.72 -0.34
C LEU A 23 2.08 -12.21 -0.59
N GLN A 24 1.68 -12.65 -1.78
CA GLN A 24 1.77 -14.06 -2.15
C GLN A 24 3.22 -14.52 -2.22
N GLU A 25 4.05 -13.74 -2.91
CA GLU A 25 5.47 -14.07 -3.05
C GLU A 25 6.20 -13.90 -1.72
N ASP A 26 5.85 -12.87 -0.97
CA ASP A 26 6.47 -12.60 0.32
C ASP A 26 5.50 -12.90 1.46
N PRO A 27 5.42 -14.18 1.87
CA PRO A 27 4.53 -14.61 2.95
C PRO A 27 5.00 -14.09 4.32
N VAL A 28 6.30 -13.90 4.45
CA VAL A 28 6.87 -13.41 5.71
C VAL A 28 6.48 -11.96 5.96
N LEU A 29 6.41 -11.17 4.90
CA LEU A 29 6.05 -9.76 5.00
C LEU A 29 4.61 -9.61 5.48
N PHE A 30 3.75 -10.53 5.04
CA PHE A 30 2.33 -10.48 5.43
C PHE A 30 2.19 -10.40 6.95
N GLN A 31 2.84 -11.33 7.64
CA GLN A 31 2.79 -11.35 9.10
C GLN A 31 2.77 -9.94 9.68
N LEU A 32 3.79 -9.17 9.37
CA LEU A 32 3.89 -7.80 9.84
C LEU A 32 2.59 -7.04 9.64
N TYR A 33 2.13 -7.00 8.40
CA TYR A 33 0.88 -6.30 8.06
C TYR A 33 -0.23 -6.69 9.04
N LYS A 34 -0.25 -7.97 9.42
CA LYS A 34 -1.27 -8.47 10.34
C LYS A 34 -0.94 -8.06 11.77
N ASP A 35 0.17 -8.56 12.29
CA ASP A 35 0.60 -8.24 13.65
C ASP A 35 0.35 -6.76 13.96
N LEU A 36 0.34 -5.94 12.92
CA LEU A 36 0.12 -4.51 13.08
C LEU A 36 -1.33 -4.14 12.81
N VAL A 37 -1.79 -4.42 11.58
CA VAL A 37 -3.17 -4.13 11.20
C VAL A 37 -4.15 -5.01 11.95
N VAL A 38 -3.93 -6.32 11.88
CA VAL A 38 -4.79 -7.28 12.56
C VAL A 38 -4.81 -7.04 14.07
N SER A 39 -3.80 -6.32 14.55
CA SER A 39 -3.69 -6.02 15.97
C SER A 39 -4.40 -4.72 16.31
N GLN A 40 -5.04 -4.13 15.32
CA GLN A 40 -5.76 -2.87 15.52
C GLN A 40 -4.81 -1.76 15.93
N VAL A 41 -3.62 -1.76 15.35
CA VAL A 41 -2.61 -0.74 15.67
C VAL A 41 -2.51 0.30 14.56
N ILE A 42 -2.58 -0.16 13.31
CA ILE A 42 -2.50 0.72 12.16
C ILE A 42 -3.43 0.27 11.04
N SER A 43 -3.62 1.12 10.04
CA SER A 43 -4.48 0.80 8.93
C SER A 43 -3.67 0.27 7.75
N ALA A 44 -4.27 -0.64 6.98
CA ALA A 44 -3.60 -1.22 5.82
C ALA A 44 -2.84 -0.17 5.04
N GLU A 45 -3.46 0.99 4.83
CA GLU A 45 -2.84 2.07 4.09
C GLU A 45 -1.54 2.51 4.78
N GLU A 46 -1.56 2.54 6.10
CA GLU A 46 -0.39 2.94 6.87
C GLU A 46 0.77 1.96 6.66
N PHE A 47 0.49 0.68 6.83
CA PHE A 47 1.50 -0.36 6.65
C PHE A 47 2.20 -0.21 5.30
N TRP A 48 1.40 0.00 4.26
CA TRP A 48 1.94 0.15 2.91
C TRP A 48 2.62 1.51 2.75
N ALA A 49 2.03 2.54 3.32
CA ALA A 49 2.57 3.89 3.24
C ALA A 49 4.07 3.89 3.45
N ASN A 50 4.55 2.93 4.25
CA ASN A 50 5.98 2.82 4.53
C ASN A 50 6.72 2.19 3.35
N ARG A 51 6.36 0.95 3.02
CA ARG A 51 7.00 0.24 1.93
C ARG A 51 7.02 1.10 0.66
N LEU A 52 5.84 1.52 0.22
CA LEU A 52 5.72 2.36 -0.97
C LEU A 52 6.71 3.51 -0.93
N ASN A 53 7.82 3.37 -1.65
CA ASN A 53 8.85 4.40 -1.70
C ASN A 53 8.78 5.18 -3.01
N VAL A 54 7.58 5.57 -3.40
CA VAL A 54 7.38 6.32 -4.63
C VAL A 54 7.50 7.82 -4.40
N ASN A 55 8.63 8.39 -4.81
CA ASN A 55 8.87 9.81 -4.63
C ASN A 55 9.37 10.45 -5.93
N SER A 56 8.83 9.98 -7.05
CA SER A 56 9.22 10.49 -8.36
C SER A 56 8.19 11.48 -8.89
N GLY A 57 6.98 10.98 -9.13
CA GLY A 57 5.91 11.82 -9.63
C GLY A 57 4.74 11.03 -10.16
N PRO A 58 3.84 10.62 -9.26
CA PRO A 58 2.65 9.83 -9.62
C PRO A 58 1.64 10.65 -10.41
N SER A 59 0.64 9.97 -10.97
CA SER A 59 -0.40 10.64 -11.75
C SER A 59 -1.66 10.84 -10.91
N SER A 60 -1.71 11.96 -10.20
CA SER A 60 -2.86 12.26 -9.36
C SER A 60 -3.19 11.10 -8.43
N GLY A 61 -2.14 10.41 -7.96
CA GLY A 61 -2.34 9.28 -7.08
C GLY A 61 -1.22 8.26 -7.18
N GLY A 1 12.32 19.22 7.69
CA GLY A 1 11.30 18.48 6.97
C GLY A 1 10.43 19.39 6.12
N SER A 2 9.50 18.80 5.38
CA SER A 2 8.62 19.57 4.50
C SER A 2 7.34 18.78 4.21
N SER A 3 6.27 19.52 3.90
CA SER A 3 4.99 18.89 3.61
C SER A 3 4.80 18.72 2.11
N GLY A 4 3.80 17.93 1.73
CA GLY A 4 3.52 17.70 0.32
C GLY A 4 2.86 16.36 0.07
N SER A 5 1.53 16.34 0.17
CA SER A 5 0.76 15.12 -0.04
C SER A 5 0.11 15.12 -1.42
N SER A 6 0.08 13.95 -2.06
CA SER A 6 -0.51 13.82 -3.38
C SER A 6 -1.94 13.29 -3.28
N GLY A 7 -2.62 13.23 -4.42
CA GLY A 7 -3.99 12.75 -4.45
C GLY A 7 -4.64 12.87 -5.82
N PHE A 8 -5.04 11.76 -6.39
CA PHE A 8 -5.67 11.75 -7.70
C PHE A 8 -6.92 10.87 -7.70
N LYS A 9 -7.87 11.21 -8.57
CA LYS A 9 -9.11 10.47 -8.68
C LYS A 9 -8.83 8.99 -8.95
N ARG A 10 -9.82 8.14 -8.64
CA ARG A 10 -9.68 6.70 -8.85
C ARG A 10 -10.70 6.20 -9.87
N LYS A 11 -10.21 5.53 -10.91
CA LYS A 11 -11.08 4.99 -11.95
C LYS A 11 -11.11 3.46 -11.91
N ALA A 12 -9.93 2.86 -11.76
CA ALA A 12 -9.81 1.41 -11.70
C ALA A 12 -8.96 0.97 -10.51
N ASN A 13 -9.03 -0.31 -10.18
CA ASN A 13 -8.26 -0.85 -9.06
C ASN A 13 -7.09 -1.67 -9.57
N LYS A 14 -5.90 -1.08 -9.57
CA LYS A 14 -4.70 -1.76 -10.03
C LYS A 14 -3.69 -1.92 -8.88
N GLU A 15 -3.43 -0.82 -8.18
CA GLU A 15 -2.49 -0.85 -7.07
C GLU A 15 -2.75 -2.05 -6.15
N LEU A 16 -4.01 -2.25 -5.82
CA LEU A 16 -4.40 -3.36 -4.95
C LEU A 16 -3.86 -4.68 -5.48
N GLU A 17 -4.12 -4.96 -6.75
CA GLU A 17 -3.66 -6.19 -7.38
C GLU A 17 -2.18 -6.44 -7.06
N GLU A 18 -1.33 -5.53 -7.50
CA GLU A 18 0.10 -5.65 -7.26
C GLU A 18 0.38 -5.96 -5.79
N LYS A 19 -0.06 -5.08 -4.91
CA LYS A 19 0.13 -5.25 -3.48
C LYS A 19 -0.18 -6.68 -3.06
N ASN A 20 -1.36 -7.17 -3.44
CA ASN A 20 -1.77 -8.53 -3.10
C ASN A 20 -0.71 -9.53 -3.52
N ARG A 21 -0.23 -9.40 -4.75
CA ARG A 21 0.78 -10.31 -5.28
C ARG A 21 2.02 -10.32 -4.38
N MET A 22 2.43 -9.14 -3.93
CA MET A 22 3.60 -9.02 -3.07
C MET A 22 3.38 -9.78 -1.76
N LEU A 23 2.14 -9.77 -1.27
CA LEU A 23 1.80 -10.45 -0.03
C LEU A 23 1.91 -11.96 -0.19
N GLN A 24 1.46 -12.45 -1.34
CA GLN A 24 1.51 -13.89 -1.61
C GLN A 24 2.94 -14.36 -1.82
N GLU A 25 3.66 -13.68 -2.71
CA GLU A 25 5.05 -14.04 -2.99
C GLU A 25 5.90 -13.95 -1.73
N ASP A 26 5.69 -12.90 -0.96
CA ASP A 26 6.44 -12.69 0.27
C ASP A 26 5.59 -13.03 1.49
N PRO A 27 5.99 -14.08 2.22
CA PRO A 27 5.29 -14.53 3.42
C PRO A 27 5.42 -13.55 4.58
N VAL A 28 6.63 -13.06 4.80
CA VAL A 28 6.88 -12.11 5.88
C VAL A 28 5.92 -10.93 5.80
N LEU A 29 5.90 -10.25 4.65
CA LEU A 29 5.03 -9.11 4.44
C LEU A 29 3.66 -9.35 5.04
N PHE A 30 3.10 -10.52 4.78
CA PHE A 30 1.78 -10.89 5.29
C PHE A 30 1.78 -10.91 6.82
N GLN A 31 2.81 -11.53 7.40
CA GLN A 31 2.92 -11.64 8.84
C GLN A 31 2.87 -10.25 9.48
N LEU A 32 3.78 -9.38 9.07
CA LEU A 32 3.82 -8.01 9.60
C LEU A 32 2.50 -7.30 9.40
N TYR A 33 2.06 -7.22 8.14
CA TYR A 33 0.81 -6.56 7.82
C TYR A 33 -0.31 -6.99 8.77
N LYS A 34 -0.27 -8.25 9.19
CA LYS A 34 -1.27 -8.79 10.10
C LYS A 34 -0.97 -8.37 11.54
N ASP A 35 0.16 -8.84 12.05
CA ASP A 35 0.58 -8.52 13.42
C ASP A 35 0.44 -7.02 13.69
N LEU A 36 0.41 -6.23 12.62
CA LEU A 36 0.28 -4.79 12.74
C LEU A 36 -1.16 -4.34 12.51
N VAL A 37 -1.72 -4.73 11.37
CA VAL A 37 -3.09 -4.39 11.04
C VAL A 37 -4.09 -5.23 11.82
N VAL A 38 -3.98 -6.55 11.68
CA VAL A 38 -4.86 -7.47 12.39
C VAL A 38 -4.83 -7.23 13.89
N SER A 39 -3.75 -6.61 14.37
CA SER A 39 -3.59 -6.33 15.78
C SER A 39 -4.20 -4.97 16.13
N GLN A 40 -5.01 -4.44 15.23
CA GLN A 40 -5.65 -3.15 15.44
C GLN A 40 -4.63 -2.11 15.91
N VAL A 41 -3.39 -2.26 15.48
CA VAL A 41 -2.33 -1.33 15.85
C VAL A 41 -2.23 -0.18 14.86
N ILE A 42 -2.43 -0.48 13.58
CA ILE A 42 -2.38 0.53 12.53
C ILE A 42 -3.34 0.21 11.40
N SER A 43 -3.38 1.09 10.40
CA SER A 43 -4.25 0.89 9.24
C SER A 43 -3.46 0.41 8.04
N ALA A 44 -4.12 -0.35 7.16
CA ALA A 44 -3.48 -0.86 5.96
C ALA A 44 -2.66 0.22 5.27
N GLU A 45 -3.19 1.44 5.26
CA GLU A 45 -2.49 2.57 4.63
C GLU A 45 -1.14 2.82 5.30
N GLU A 46 -1.10 2.63 6.61
CA GLU A 46 0.14 2.85 7.36
C GLU A 46 1.21 1.86 6.93
N PHE A 47 0.85 0.58 6.88
CA PHE A 47 1.78 -0.47 6.48
C PHE A 47 2.40 -0.16 5.13
N TRP A 48 1.56 -0.18 4.09
CA TRP A 48 2.03 0.10 2.73
C TRP A 48 2.76 1.44 2.66
N ALA A 49 2.11 2.47 3.19
CA ALA A 49 2.70 3.81 3.19
C ALA A 49 4.20 3.75 3.48
N ASN A 50 4.56 3.01 4.52
CA ASN A 50 5.96 2.87 4.92
C ASN A 50 6.75 2.12 3.85
N ARG A 51 6.19 1.02 3.37
CA ARG A 51 6.84 0.21 2.34
C ARG A 51 7.02 1.01 1.05
N LEU A 52 5.91 1.38 0.44
CA LEU A 52 5.95 2.15 -0.80
C LEU A 52 7.00 3.25 -0.74
N ASN A 53 6.83 4.17 0.19
CA ASN A 53 7.77 5.28 0.37
C ASN A 53 8.66 5.05 1.58
N VAL A 54 9.97 5.16 1.39
CA VAL A 54 10.92 4.97 2.47
C VAL A 54 11.50 6.30 2.93
N ASN A 55 10.63 7.28 3.12
CA ASN A 55 11.06 8.61 3.56
C ASN A 55 12.01 9.23 2.55
N SER A 56 11.66 9.15 1.28
CA SER A 56 12.50 9.71 0.22
C SER A 56 11.63 10.24 -0.92
N GLY A 57 11.56 11.56 -1.03
CA GLY A 57 10.78 12.18 -2.08
C GLY A 57 11.64 12.78 -3.18
N PRO A 58 11.09 12.80 -4.41
CA PRO A 58 11.80 13.34 -5.57
C PRO A 58 11.96 14.85 -5.50
N SER A 59 11.05 15.51 -4.81
CA SER A 59 11.09 16.97 -4.68
C SER A 59 10.96 17.64 -6.04
N SER A 60 10.25 16.99 -6.96
CA SER A 60 10.06 17.53 -8.29
C SER A 60 9.42 18.91 -8.24
N GLY A 61 9.74 19.75 -9.22
CA GLY A 61 9.20 21.09 -9.27
C GLY A 61 7.68 21.11 -9.28
N GLY A 1 2.43 18.15 6.79
CA GLY A 1 1.72 17.77 5.58
C GLY A 1 0.89 18.90 5.01
N SER A 2 1.53 20.05 4.83
CA SER A 2 0.85 21.23 4.28
C SER A 2 0.44 20.99 2.83
N SER A 3 1.33 20.37 2.06
CA SER A 3 1.06 20.09 0.66
C SER A 3 -0.39 19.63 0.46
N GLY A 4 -0.82 18.68 1.28
CA GLY A 4 -2.18 18.17 1.18
C GLY A 4 -2.47 17.58 -0.18
N SER A 5 -3.72 17.17 -0.39
CA SER A 5 -4.13 16.57 -1.66
C SER A 5 -5.48 17.12 -2.10
N SER A 6 -5.91 16.70 -3.29
CA SER A 6 -7.18 17.16 -3.84
C SER A 6 -8.25 16.06 -3.72
N GLY A 7 -7.94 14.89 -4.26
CA GLY A 7 -8.87 13.79 -4.21
C GLY A 7 -9.33 13.35 -5.59
N PHE A 8 -8.80 12.23 -6.06
CA PHE A 8 -9.17 11.70 -7.37
C PHE A 8 -9.82 10.33 -7.25
N LYS A 9 -11.04 10.21 -7.76
CA LYS A 9 -11.78 8.95 -7.72
C LYS A 9 -11.79 8.27 -9.08
N ARG A 10 -10.87 7.32 -9.26
CA ARG A 10 -10.78 6.60 -10.53
C ARG A 10 -11.57 5.29 -10.47
N LYS A 11 -11.73 4.65 -11.62
CA LYS A 11 -12.47 3.39 -11.70
C LYS A 11 -11.57 2.27 -12.24
N ALA A 12 -10.63 1.82 -11.42
CA ALA A 12 -9.73 0.76 -11.82
C ALA A 12 -8.87 0.29 -10.65
N ASN A 13 -9.01 -0.98 -10.29
CA ASN A 13 -8.24 -1.55 -9.18
C ASN A 13 -6.90 -2.10 -9.67
N LYS A 14 -5.91 -1.23 -9.78
CA LYS A 14 -4.58 -1.63 -10.23
C LYS A 14 -3.64 -1.79 -9.05
N GLU A 15 -3.38 -0.69 -8.35
CA GLU A 15 -2.49 -0.71 -7.19
C GLU A 15 -2.78 -1.92 -6.30
N LEU A 16 -4.05 -2.14 -6.02
CA LEU A 16 -4.46 -3.27 -5.18
C LEU A 16 -3.98 -4.59 -5.77
N GLU A 17 -4.18 -4.76 -7.08
CA GLU A 17 -3.76 -5.98 -7.76
C GLU A 17 -2.27 -6.23 -7.55
N GLU A 18 -1.53 -5.17 -7.27
CA GLU A 18 -0.09 -5.28 -7.04
C GLU A 18 0.21 -5.76 -5.62
N LYS A 19 -0.16 -4.94 -4.64
CA LYS A 19 0.06 -5.27 -3.25
C LYS A 19 -0.28 -6.73 -2.97
N ASN A 20 -1.27 -7.25 -3.67
CA ASN A 20 -1.69 -8.63 -3.51
C ASN A 20 -0.61 -9.60 -4.00
N ARG A 21 -0.17 -9.40 -5.23
CA ARG A 21 0.87 -10.25 -5.81
C ARG A 21 2.15 -10.20 -4.99
N MET A 22 2.23 -9.21 -4.10
CA MET A 22 3.41 -9.05 -3.25
C MET A 22 3.24 -9.84 -1.96
N LEU A 23 2.06 -9.74 -1.35
CA LEU A 23 1.78 -10.45 -0.10
C LEU A 23 1.87 -11.95 -0.30
N GLN A 24 1.46 -12.41 -1.48
CA GLN A 24 1.50 -13.84 -1.79
C GLN A 24 2.93 -14.30 -2.05
N GLU A 25 3.75 -13.40 -2.56
CA GLU A 25 5.15 -13.72 -2.85
C GLU A 25 5.97 -13.76 -1.57
N ASP A 26 5.80 -12.74 -0.74
CA ASP A 26 6.54 -12.64 0.52
C ASP A 26 5.65 -13.05 1.69
N PRO A 27 6.00 -14.17 2.35
CA PRO A 27 5.25 -14.68 3.50
C PRO A 27 5.39 -13.79 4.74
N VAL A 28 6.57 -13.20 4.91
CA VAL A 28 6.84 -12.32 6.04
C VAL A 28 6.01 -11.05 5.95
N LEU A 29 6.01 -10.43 4.77
CA LEU A 29 5.27 -9.20 4.55
C LEU A 29 3.86 -9.30 5.15
N PHE A 30 3.17 -10.39 4.83
CA PHE A 30 1.82 -10.61 5.34
C PHE A 30 1.80 -10.60 6.87
N GLN A 31 2.73 -11.34 7.47
CA GLN A 31 2.82 -11.42 8.92
C GLN A 31 2.82 -10.03 9.54
N LEU A 32 3.88 -9.26 9.30
CA LEU A 32 3.99 -7.92 9.84
C LEU A 32 2.68 -7.15 9.66
N TYR A 33 2.14 -7.21 8.45
CA TYR A 33 0.88 -6.52 8.14
C TYR A 33 -0.21 -6.92 9.13
N LYS A 34 -0.23 -8.18 9.52
CA LYS A 34 -1.21 -8.69 10.45
C LYS A 34 -0.89 -8.27 11.88
N ASP A 35 0.22 -8.78 12.40
CA ASP A 35 0.66 -8.46 13.75
C ASP A 35 0.42 -6.99 14.06
N LEU A 36 0.42 -6.17 13.02
CA LEU A 36 0.20 -4.73 13.18
C LEU A 36 -1.26 -4.37 12.91
N VAL A 37 -1.71 -4.65 11.70
CA VAL A 37 -3.09 -4.35 11.31
C VAL A 37 -4.07 -5.23 12.08
N VAL A 38 -3.89 -6.54 11.98
CA VAL A 38 -4.77 -7.48 12.66
C VAL A 38 -4.77 -7.25 14.17
N SER A 39 -3.66 -6.70 14.67
CA SER A 39 -3.53 -6.42 16.10
C SER A 39 -4.16 -5.07 16.44
N GLN A 40 -4.74 -4.42 15.44
CA GLN A 40 -5.38 -3.12 15.64
C GLN A 40 -4.35 -2.08 16.07
N VAL A 41 -3.20 -2.09 15.40
CA VAL A 41 -2.13 -1.14 15.72
C VAL A 41 -2.05 -0.04 14.66
N ILE A 42 -2.36 -0.40 13.42
CA ILE A 42 -2.32 0.56 12.32
C ILE A 42 -3.29 0.16 11.21
N SER A 43 -3.45 1.04 10.23
CA SER A 43 -4.34 0.78 9.11
C SER A 43 -3.57 0.25 7.90
N ALA A 44 -4.22 -0.63 7.14
CA ALA A 44 -3.59 -1.20 5.95
C ALA A 44 -2.81 -0.15 5.17
N GLU A 45 -3.29 1.09 5.22
CA GLU A 45 -2.64 2.19 4.52
C GLU A 45 -1.28 2.49 5.13
N GLU A 46 -1.22 2.48 6.46
CA GLU A 46 0.03 2.76 7.17
C GLU A 46 1.12 1.77 6.77
N PHE A 47 0.80 0.49 6.88
CA PHE A 47 1.76 -0.56 6.53
C PHE A 47 2.41 -0.28 5.17
N TRP A 48 1.59 -0.19 4.13
CA TRP A 48 2.07 0.07 2.79
C TRP A 48 2.81 1.41 2.72
N ALA A 49 2.20 2.44 3.29
CA ALA A 49 2.79 3.77 3.30
C ALA A 49 4.30 3.69 3.53
N ASN A 50 4.72 2.76 4.38
CA ASN A 50 6.13 2.58 4.68
C ASN A 50 6.85 1.86 3.54
N ARG A 51 6.29 0.72 3.12
CA ARG A 51 6.88 -0.06 2.05
C ARG A 51 6.91 0.75 0.75
N LEU A 52 5.75 1.18 0.28
CA LEU A 52 5.64 1.95 -0.94
C LEU A 52 6.18 3.36 -0.73
N ASN A 53 6.21 4.15 -1.81
CA ASN A 53 6.69 5.51 -1.75
C ASN A 53 5.87 6.43 -2.64
N VAL A 54 5.39 7.54 -2.07
CA VAL A 54 4.59 8.50 -2.82
C VAL A 54 5.34 9.81 -3.02
N ASN A 55 6.19 9.85 -4.04
CA ASN A 55 6.96 11.05 -4.33
C ASN A 55 6.28 11.90 -5.40
N SER A 56 4.96 12.01 -5.30
CA SER A 56 4.19 12.79 -6.26
C SER A 56 4.20 14.27 -5.90
N GLY A 57 4.21 15.13 -6.92
CA GLY A 57 4.23 16.55 -6.69
C GLY A 57 2.96 17.05 -6.03
N PRO A 58 3.10 18.08 -5.18
CA PRO A 58 1.95 18.67 -4.46
C PRO A 58 1.02 19.43 -5.39
N SER A 59 1.40 19.53 -6.66
CA SER A 59 0.60 20.24 -7.65
C SER A 59 -0.89 20.06 -7.38
N SER A 60 -1.63 21.16 -7.36
CA SER A 60 -3.06 21.13 -7.10
C SER A 60 -3.84 21.70 -8.27
N GLY A 61 -5.16 21.56 -8.22
CA GLY A 61 -6.00 22.08 -9.30
C GLY A 61 -5.50 21.67 -10.67
N GLY A 1 10.11 18.13 4.95
CA GLY A 1 8.81 17.58 5.27
C GLY A 1 8.01 17.25 4.03
N SER A 2 7.04 16.34 4.18
CA SER A 2 6.19 15.94 3.06
C SER A 2 4.72 16.07 3.41
N SER A 3 3.99 16.83 2.61
CA SER A 3 2.57 17.05 2.84
C SER A 3 1.84 17.31 1.52
N GLY A 4 0.71 16.63 1.33
CA GLY A 4 -0.06 16.80 0.11
C GLY A 4 -0.34 15.48 -0.59
N SER A 5 -1.62 15.08 -0.56
CA SER A 5 -2.02 13.82 -1.19
C SER A 5 -3.19 14.05 -2.14
N SER A 6 -3.43 13.07 -3.01
CA SER A 6 -4.52 13.16 -3.98
C SER A 6 -4.65 11.86 -4.76
N GLY A 7 -5.75 11.74 -5.51
CA GLY A 7 -5.98 10.55 -6.30
C GLY A 7 -7.43 10.10 -6.26
N PHE A 8 -7.92 9.59 -7.38
CA PHE A 8 -9.30 9.12 -7.47
C PHE A 8 -9.60 8.09 -6.39
N LYS A 9 -10.89 7.84 -6.16
CA LYS A 9 -11.31 6.86 -5.16
C LYS A 9 -11.86 5.61 -5.82
N ARG A 10 -11.09 4.52 -5.77
CA ARG A 10 -11.50 3.26 -6.36
C ARG A 10 -11.45 3.34 -7.89
N LYS A 11 -10.41 3.96 -8.41
CA LYS A 11 -10.24 4.11 -9.86
C LYS A 11 -10.14 2.75 -10.53
N ALA A 12 -9.29 1.89 -9.99
CA ALA A 12 -9.10 0.55 -10.54
C ALA A 12 -8.50 -0.40 -9.50
N ASN A 13 -8.70 -1.69 -9.70
CA ASN A 13 -8.17 -2.70 -8.77
C ASN A 13 -6.70 -2.98 -9.06
N LYS A 14 -5.94 -1.92 -9.33
CA LYS A 14 -4.52 -2.06 -9.62
C LYS A 14 -3.69 -1.95 -8.34
N GLU A 15 -3.83 -0.83 -7.65
CA GLU A 15 -3.10 -0.59 -6.41
C GLU A 15 -3.22 -1.80 -5.48
N LEU A 16 -4.26 -2.58 -5.67
CA LEU A 16 -4.49 -3.77 -4.85
C LEU A 16 -3.77 -4.99 -5.41
N GLU A 17 -3.79 -5.12 -6.74
CA GLU A 17 -3.13 -6.23 -7.41
C GLU A 17 -1.62 -6.15 -7.24
N GLU A 18 -1.10 -4.92 -7.19
CA GLU A 18 0.33 -4.71 -7.02
C GLU A 18 0.78 -5.07 -5.61
N LYS A 19 -0.04 -4.72 -4.63
CA LYS A 19 0.27 -5.02 -3.24
C LYS A 19 -0.10 -6.45 -2.87
N ASN A 20 -1.10 -6.99 -3.57
CA ASN A 20 -1.56 -8.34 -3.32
C ASN A 20 -0.54 -9.36 -3.84
N ARG A 21 0.02 -9.08 -5.01
CA ARG A 21 1.00 -9.96 -5.62
C ARG A 21 2.24 -10.09 -4.73
N MET A 22 2.56 -9.02 -4.01
CA MET A 22 3.71 -9.01 -3.13
C MET A 22 3.45 -9.83 -1.87
N LEU A 23 2.25 -9.70 -1.33
CA LEU A 23 1.86 -10.44 -0.12
C LEU A 23 1.84 -11.94 -0.39
N GLN A 24 1.36 -12.33 -1.56
CA GLN A 24 1.28 -13.73 -1.93
C GLN A 24 2.68 -14.30 -2.21
N GLU A 25 3.60 -13.42 -2.58
CA GLU A 25 4.96 -13.82 -2.88
C GLU A 25 5.78 -13.96 -1.59
N ASP A 26 5.69 -12.96 -0.73
CA ASP A 26 6.42 -12.96 0.53
C ASP A 26 5.49 -13.35 1.69
N PRO A 27 5.76 -14.51 2.31
CA PRO A 27 4.97 -15.00 3.44
C PRO A 27 5.16 -14.17 4.70
N VAL A 28 6.41 -13.80 4.99
CA VAL A 28 6.73 -13.01 6.16
C VAL A 28 6.05 -11.64 6.09
N LEU A 29 6.23 -10.96 4.96
CA LEU A 29 5.65 -9.64 4.76
C LEU A 29 4.19 -9.62 5.23
N PHE A 30 3.42 -10.58 4.78
CA PHE A 30 2.01 -10.68 5.15
C PHE A 30 1.84 -10.64 6.66
N GLN A 31 2.60 -11.48 7.36
CA GLN A 31 2.53 -11.55 8.80
C GLN A 31 2.63 -10.15 9.41
N LEU A 32 3.72 -9.45 9.11
CA LEU A 32 3.93 -8.10 9.62
C LEU A 32 2.68 -7.24 9.46
N TYR A 33 2.07 -7.32 8.28
CA TYR A 33 0.86 -6.56 7.98
C TYR A 33 -0.26 -6.91 8.95
N LYS A 34 -0.32 -8.19 9.33
CA LYS A 34 -1.34 -8.67 10.24
C LYS A 34 -1.01 -8.28 11.69
N ASP A 35 0.12 -8.77 12.18
CA ASP A 35 0.56 -8.46 13.53
C ASP A 35 0.35 -6.99 13.85
N LEU A 36 0.29 -6.17 12.81
CA LEU A 36 0.10 -4.73 12.98
C LEU A 36 -1.34 -4.33 12.68
N VAL A 37 -1.77 -4.59 11.46
CA VAL A 37 -3.14 -4.26 11.05
C VAL A 37 -4.15 -5.11 11.80
N VAL A 38 -4.00 -6.43 11.71
CA VAL A 38 -4.91 -7.35 12.39
C VAL A 38 -4.92 -7.10 13.89
N SER A 39 -3.92 -6.38 14.38
CA SER A 39 -3.81 -6.06 15.80
C SER A 39 -4.44 -4.71 16.12
N GLN A 40 -5.24 -4.21 15.18
CA GLN A 40 -5.91 -2.93 15.37
C GLN A 40 -4.93 -1.88 15.90
N VAL A 41 -3.66 -2.01 15.53
CA VAL A 41 -2.63 -1.09 15.97
C VAL A 41 -2.44 0.03 14.96
N ILE A 42 -2.53 -0.31 13.68
CA ILE A 42 -2.37 0.68 12.61
C ILE A 42 -3.35 0.42 11.47
N SER A 43 -3.26 1.22 10.42
CA SER A 43 -4.13 1.08 9.26
C SER A 43 -3.39 0.43 8.09
N ALA A 44 -4.12 -0.35 7.30
CA ALA A 44 -3.53 -1.01 6.14
C ALA A 44 -2.76 -0.03 5.27
N GLU A 45 -3.29 1.18 5.14
CA GLU A 45 -2.66 2.21 4.33
C GLU A 45 -1.31 2.62 4.93
N GLU A 46 -1.23 2.59 6.25
CA GLU A 46 -0.01 2.96 6.95
C GLU A 46 1.11 1.96 6.66
N PHE A 47 0.82 0.69 6.92
CA PHE A 47 1.80 -0.38 6.70
C PHE A 47 2.46 -0.23 5.33
N TRP A 48 1.64 -0.10 4.30
CA TRP A 48 2.14 0.04 2.94
C TRP A 48 2.74 1.44 2.72
N ALA A 49 2.05 2.45 3.24
CA ALA A 49 2.52 3.83 3.11
C ALA A 49 4.04 3.90 3.16
N ASN A 50 4.64 3.07 4.01
CA ASN A 50 6.09 3.04 4.15
C ASN A 50 6.75 2.29 2.99
N ARG A 51 6.22 1.10 2.69
CA ARG A 51 6.75 0.29 1.60
C ARG A 51 6.59 1.00 0.26
N LEU A 52 5.34 1.27 -0.11
CA LEU A 52 5.06 1.95 -1.37
C LEU A 52 5.96 3.16 -1.56
N ASN A 53 6.41 3.38 -2.79
CA ASN A 53 7.27 4.51 -3.10
C ASN A 53 6.70 5.34 -4.25
N VAL A 54 5.42 5.69 -4.14
CA VAL A 54 4.77 6.48 -5.17
C VAL A 54 4.90 7.98 -4.89
N ASN A 55 6.09 8.51 -5.16
CA ASN A 55 6.35 9.93 -4.93
C ASN A 55 6.30 10.71 -6.26
N SER A 56 5.36 10.32 -7.11
CA SER A 56 5.20 10.98 -8.41
C SER A 56 3.73 11.30 -8.68
N GLY A 57 3.41 12.58 -8.70
CA GLY A 57 2.04 12.99 -8.95
C GLY A 57 1.35 12.11 -9.98
N PRO A 58 0.03 11.91 -9.79
CA PRO A 58 -0.78 11.09 -10.70
C PRO A 58 -0.96 11.73 -12.06
N SER A 59 -0.95 13.06 -12.09
CA SER A 59 -1.14 13.80 -13.33
C SER A 59 0.22 14.18 -13.93
N SER A 60 0.25 14.36 -15.24
CA SER A 60 1.48 14.72 -15.94
C SER A 60 1.41 16.15 -16.46
N GLY A 61 1.72 17.11 -15.58
CA GLY A 61 1.68 18.51 -15.97
C GLY A 61 0.92 19.36 -14.97
N GLY A 1 11.08 18.09 10.51
CA GLY A 1 9.99 17.38 9.89
C GLY A 1 9.88 17.67 8.40
N SER A 2 10.53 16.85 7.59
CA SER A 2 10.51 17.04 6.14
C SER A 2 10.32 15.70 5.43
N SER A 3 9.32 15.64 4.56
CA SER A 3 9.03 14.41 3.82
C SER A 3 8.22 14.72 2.56
N GLY A 4 8.07 13.72 1.70
CA GLY A 4 7.31 13.90 0.47
C GLY A 4 6.61 12.62 0.03
N SER A 5 5.30 12.58 0.23
CA SER A 5 4.51 11.42 -0.15
C SER A 5 3.45 11.79 -1.20
N SER A 6 3.22 10.88 -2.14
CA SER A 6 2.24 11.12 -3.19
C SER A 6 1.63 9.80 -3.67
N GLY A 7 0.40 9.87 -4.17
CA GLY A 7 -0.28 8.68 -4.65
C GLY A 7 -0.93 8.89 -6.00
N PHE A 8 -1.25 7.80 -6.67
CA PHE A 8 -1.89 7.87 -7.99
C PHE A 8 -3.04 6.87 -8.08
N LYS A 9 -4.19 7.26 -7.54
CA LYS A 9 -5.37 6.40 -7.56
C LYS A 9 -5.78 6.08 -9.00
N ARG A 10 -6.85 5.31 -9.15
CA ARG A 10 -7.35 4.92 -10.47
C ARG A 10 -8.79 4.46 -10.39
N LYS A 11 -9.55 4.70 -11.46
CA LYS A 11 -10.95 4.30 -11.51
C LYS A 11 -11.13 2.87 -11.03
N ALA A 12 -10.26 1.98 -11.50
CA ALA A 12 -10.32 0.57 -11.12
C ALA A 12 -9.25 0.24 -10.07
N ASN A 13 -9.47 -0.84 -9.34
CA ASN A 13 -8.54 -1.27 -8.30
C ASN A 13 -7.37 -2.04 -8.91
N LYS A 14 -6.30 -1.32 -9.26
CA LYS A 14 -5.12 -1.94 -9.84
C LYS A 14 -3.98 -2.01 -8.84
N GLU A 15 -3.64 -0.86 -8.26
CA GLU A 15 -2.56 -0.79 -7.28
C GLU A 15 -2.66 -1.94 -6.29
N LEU A 16 -3.86 -2.25 -5.85
CA LEU A 16 -4.09 -3.33 -4.90
C LEU A 16 -3.58 -4.66 -5.46
N GLU A 17 -3.92 -4.92 -6.72
CA GLU A 17 -3.50 -6.15 -7.38
C GLU A 17 -2.00 -6.37 -7.23
N GLU A 18 -1.25 -5.27 -7.25
CA GLU A 18 0.21 -5.33 -7.12
C GLU A 18 0.60 -5.65 -5.68
N LYS A 19 0.32 -4.73 -4.77
CA LYS A 19 0.66 -4.92 -3.36
C LYS A 19 0.19 -6.28 -2.88
N ASN A 20 -0.98 -6.72 -3.33
CA ASN A 20 -1.52 -8.01 -2.94
C ASN A 20 -0.64 -9.15 -3.46
N ARG A 21 -0.42 -9.17 -4.76
CA ARG A 21 0.41 -10.21 -5.38
C ARG A 21 1.69 -10.43 -4.59
N MET A 22 2.31 -9.34 -4.16
CA MET A 22 3.55 -9.41 -3.40
C MET A 22 3.32 -10.13 -2.07
N LEU A 23 2.30 -9.69 -1.34
CA LEU A 23 1.98 -10.29 -0.05
C LEU A 23 2.00 -11.82 -0.13
N GLN A 24 1.30 -12.36 -1.13
CA GLN A 24 1.25 -13.80 -1.31
C GLN A 24 2.64 -14.37 -1.58
N GLU A 25 3.38 -13.72 -2.48
CA GLU A 25 4.71 -14.15 -2.83
C GLU A 25 5.60 -14.25 -1.60
N ASP A 26 5.59 -13.19 -0.79
CA ASP A 26 6.39 -13.16 0.43
C ASP A 26 5.52 -13.41 1.66
N PRO A 27 5.78 -14.54 2.33
CA PRO A 27 5.03 -14.93 3.54
C PRO A 27 5.34 -14.03 4.73
N VAL A 28 6.63 -13.79 4.97
CA VAL A 28 7.05 -12.94 6.07
C VAL A 28 6.35 -11.59 6.03
N LEU A 29 6.46 -10.90 4.91
CA LEU A 29 5.83 -9.59 4.74
C LEU A 29 4.39 -9.62 5.24
N PHE A 30 3.63 -10.62 4.77
CA PHE A 30 2.23 -10.76 5.16
C PHE A 30 2.09 -10.73 6.68
N GLN A 31 2.77 -11.66 7.35
CA GLN A 31 2.71 -11.74 8.80
C GLN A 31 2.84 -10.36 9.44
N LEU A 32 3.95 -9.69 9.17
CA LEU A 32 4.19 -8.35 9.71
C LEU A 32 2.99 -7.45 9.47
N TYR A 33 2.42 -7.51 8.27
CA TYR A 33 1.26 -6.71 7.92
C TYR A 33 0.07 -7.05 8.81
N LYS A 34 -0.06 -8.32 9.14
CA LYS A 34 -1.17 -8.79 9.98
C LYS A 34 -0.93 -8.39 11.43
N ASP A 35 0.17 -8.85 12.00
CA ASP A 35 0.51 -8.56 13.38
C ASP A 35 0.19 -7.09 13.72
N LEU A 36 0.24 -6.24 12.70
CA LEU A 36 -0.05 -4.82 12.89
C LEU A 36 -1.47 -4.50 12.46
N VAL A 37 -1.77 -4.74 11.18
CA VAL A 37 -3.10 -4.47 10.64
C VAL A 37 -4.14 -5.40 11.27
N VAL A 38 -3.92 -6.71 11.13
CA VAL A 38 -4.83 -7.69 11.68
C VAL A 38 -5.01 -7.51 13.18
N SER A 39 -4.11 -6.74 13.79
CA SER A 39 -4.15 -6.48 15.22
C SER A 39 -4.85 -5.16 15.52
N GLN A 40 -5.64 -4.68 14.56
CA GLN A 40 -6.37 -3.43 14.72
C GLN A 40 -5.48 -2.36 15.35
N VAL A 41 -4.18 -2.43 15.05
CA VAL A 41 -3.22 -1.47 15.60
C VAL A 41 -2.99 -0.32 14.62
N ILE A 42 -3.00 -0.64 13.33
CA ILE A 42 -2.79 0.37 12.31
C ILE A 42 -3.68 0.12 11.10
N SER A 43 -3.68 1.06 10.16
CA SER A 43 -4.50 0.94 8.96
C SER A 43 -3.63 0.57 7.75
N ALA A 44 -4.16 -0.30 6.90
CA ALA A 44 -3.44 -0.74 5.71
C ALA A 44 -2.63 0.41 5.11
N GLU A 45 -3.22 1.60 5.11
CA GLU A 45 -2.55 2.78 4.57
C GLU A 45 -1.22 3.01 5.27
N GLU A 46 -1.23 2.97 6.59
CA GLU A 46 -0.03 3.19 7.38
C GLU A 46 1.09 2.24 6.93
N PHE A 47 0.76 0.97 6.79
CA PHE A 47 1.73 -0.04 6.38
C PHE A 47 2.18 0.21 4.94
N TRP A 48 1.23 0.17 4.01
CA TRP A 48 1.52 0.39 2.60
C TRP A 48 2.13 1.77 2.38
N ALA A 49 1.94 2.65 3.35
CA ALA A 49 2.47 4.01 3.26
C ALA A 49 3.99 4.01 3.35
N ASN A 50 4.52 3.35 4.37
CA ASN A 50 5.97 3.27 4.57
C ASN A 50 6.51 1.92 4.12
N ARG A 51 5.86 1.32 3.13
CA ARG A 51 6.27 0.02 2.61
C ARG A 51 6.59 0.11 1.12
N LEU A 52 5.66 0.64 0.36
CA LEU A 52 5.83 0.77 -1.08
C LEU A 52 6.89 1.82 -1.41
N ASN A 53 7.50 1.70 -2.58
CA ASN A 53 8.54 2.62 -3.02
C ASN A 53 7.99 3.61 -4.05
N VAL A 54 8.29 4.89 -3.86
CA VAL A 54 7.83 5.93 -4.78
C VAL A 54 8.90 6.26 -5.81
N ASN A 55 8.59 5.97 -7.07
CA ASN A 55 9.52 6.24 -8.16
C ASN A 55 9.47 7.71 -8.58
N SER A 56 10.23 8.54 -7.86
CA SER A 56 10.26 9.97 -8.13
C SER A 56 10.16 10.23 -9.63
N GLY A 57 9.31 11.18 -10.01
CA GLY A 57 9.13 11.51 -11.42
C GLY A 57 7.99 12.48 -11.64
N PRO A 58 7.95 13.07 -12.84
CA PRO A 58 6.90 14.03 -13.21
C PRO A 58 5.54 13.38 -13.38
N SER A 59 4.50 14.20 -13.46
CA SER A 59 3.14 13.69 -13.62
C SER A 59 3.06 12.72 -14.78
N SER A 60 2.80 11.44 -14.47
CA SER A 60 2.71 10.41 -15.50
C SER A 60 1.31 10.38 -16.09
N GLY A 61 1.14 9.57 -17.15
CA GLY A 61 -0.16 9.47 -17.80
C GLY A 61 -0.54 10.74 -18.54
#